data_9JH7
#
_entry.id   9JH7
#
_cell.length_a   1.00
_cell.length_b   1.00
_cell.length_c   1.00
_cell.angle_alpha   90.00
_cell.angle_beta   90.00
_cell.angle_gamma   90.00
#
_symmetry.space_group_name_H-M   'P 1'
#
loop_
_entity.id
_entity.type
_entity.pdbx_description
1 polymer 'Clostridium perfringens Argonaute (CpAgo)'
2 polymer "DNA (5'-D(P*TP*GP*AP*GP*GP*TP*AP*GP*TP*AP*GP*GP*TP*TP*GP*TP*AP*TP*AP*GP*T)-3')"
#
loop_
_entity_poly.entity_id
_entity_poly.type
_entity_poly.pdbx_seq_one_letter_code
_entity_poly.pdbx_strand_id
1 'polypeptide(L)'
;MVGGYKVSNLTVEAFEGIGSVNPMLFYQYKVTGKGKYDNVYKIIKSARYKMHSKNRFKPVFIKDDKLYTLEKLPDIEDLD
FANINFVKSEVLSIEDNMSIYGEVVEYYINLKLKKVKVLGKYPKYRINYSKEILSNTLLTRELKDEFKKSNKGFNLKRKF
RISPVVNKMGKVILYLSCSADFSTNKNIYEMLKEGLEVEGLAVKSEWSNISGNLVIESVLETKISEPTSLGQSLIDYYKN
NNQGYRVKDFTDEDLNANIVNVRGNKKIYMYIPHALKPIITREYLAKNDPEFSKEIEQLIKMNMNYRYETLKSFVNDIGV
IEELNNLSFKNKYYEDVKLLGYSSGKIDEPVLMGAKGIIKNKMQIFSNGFYKLPEGKVRFGVLYPKEFDGVSRKAIRAIY
DFSKEGKYHGESNKYIAEHLINVEFNPKECIFEGYELGDITEYKKAALKLNNYNNVDFVIAIVPNMSDEEIENSYNPFKK
IWAELNLPSQMISVKTAEIFANSRDNTALYYLHNIVLGILGKIGGIPWVVKDMKGDVDCFVGLDVGTREKGIHYPACSVV
FDKYGKLINYYKPNIPQNGEKINTEILQEIFDKVLISYEEENGAYPKNIVIHRDGFSREDLDWYENYFGKKNIKFNIIEV
KKSTPLKIASINEGNITNPEKGSYILRGNKAYMVTTDIKENLGSPKPLKIEKSYGDIDMLTALSQIYALTQIHVGATKSL
RLPITTGYADKICKAIEFIPQGRVDNRLFFL
;
A
2 'polydeoxyribonucleotide'
;(DT)(DG)(DA)(DG)(DG)(DT)(DA)(DG)(DT)(DA)(DG)(DG)(DT)(DT)(DG)(DT)(DA)(DT)(DA)(DG)
(DT)
;
C
#
# COMPACT_ATOMS: atom_id res chain seq x y z
N VAL A 7 -18.38 10.09 -23.59
CA VAL A 7 -17.92 8.95 -24.38
C VAL A 7 -16.86 8.20 -23.61
N SER A 8 -16.46 8.75 -22.47
CA SER A 8 -15.42 8.19 -21.64
C SER A 8 -15.95 6.95 -20.94
N ASN A 9 -15.76 5.80 -21.57
CA ASN A 9 -16.20 4.53 -21.00
C ASN A 9 -15.02 3.85 -20.31
N LEU A 10 -15.35 3.03 -19.33
CA LEU A 10 -14.36 2.49 -18.41
C LEU A 10 -14.44 0.97 -18.38
N THR A 11 -13.29 0.32 -18.15
CA THR A 11 -13.22 -1.13 -18.13
C THR A 11 -12.04 -1.55 -17.27
N VAL A 12 -12.26 -2.54 -16.41
CA VAL A 12 -11.17 -3.10 -15.61
C VAL A 12 -10.36 -4.05 -16.47
N GLU A 13 -9.14 -4.35 -16.01
CA GLU A 13 -8.23 -5.24 -16.73
C GLU A 13 -8.68 -6.70 -16.57
N ALA A 14 -9.55 -7.12 -17.48
CA ALA A 14 -10.07 -8.48 -17.44
C ALA A 14 -10.33 -8.99 -18.85
N PHE A 15 -10.61 -10.28 -18.95
CA PHE A 15 -10.80 -10.94 -20.24
C PHE A 15 -11.97 -11.91 -20.24
N GLU A 16 -12.58 -12.04 -21.42
CA GLU A 16 -13.66 -12.98 -21.65
C GLU A 16 -13.12 -14.29 -22.20
N GLY A 17 -13.62 -15.40 -21.66
CA GLY A 17 -13.34 -16.69 -22.26
C GLY A 17 -14.29 -16.93 -23.42
N ILE A 18 -13.78 -17.50 -24.51
CA ILE A 18 -14.64 -17.77 -25.66
C ILE A 18 -15.55 -18.96 -25.38
N GLY A 19 -14.96 -20.09 -25.04
CA GLY A 19 -15.73 -21.30 -24.83
C GLY A 19 -16.37 -21.34 -23.47
N SER A 20 -16.88 -22.54 -23.13
CA SER A 20 -17.47 -22.80 -21.84
C SER A 20 -16.91 -24.10 -21.31
N VAL A 21 -16.50 -24.09 -20.03
CA VAL A 21 -15.88 -25.28 -19.46
C VAL A 21 -16.94 -26.34 -19.18
N ASN A 22 -16.45 -27.54 -18.89
CA ASN A 22 -17.32 -28.67 -18.66
C ASN A 22 -17.05 -29.23 -17.27
N PRO A 23 -18.00 -29.95 -16.69
CA PRO A 23 -17.69 -30.75 -15.50
C PRO A 23 -16.69 -31.84 -15.84
N MET A 24 -15.83 -32.17 -14.88
CA MET A 24 -14.78 -33.14 -15.11
C MET A 24 -14.53 -33.93 -13.84
N LEU A 25 -14.01 -35.14 -14.03
CA LEU A 25 -13.89 -36.08 -12.92
C LEU A 25 -12.76 -35.67 -12.00
N PHE A 26 -13.02 -35.73 -10.70
CA PHE A 26 -12.07 -35.29 -9.69
C PHE A 26 -11.75 -36.46 -8.76
N TYR A 27 -10.48 -36.78 -8.66
CA TYR A 27 -10.02 -37.84 -7.79
C TYR A 27 -10.01 -37.31 -6.36
N GLN A 28 -11.16 -37.32 -5.71
CA GLN A 28 -11.30 -36.64 -4.44
C GLN A 28 -10.68 -37.44 -3.31
N TYR A 29 -9.98 -36.74 -2.42
CA TYR A 29 -9.33 -37.38 -1.29
C TYR A 29 -9.88 -36.79 -0.01
N LYS A 30 -9.90 -37.62 1.03
CA LYS A 30 -10.37 -37.21 2.35
C LYS A 30 -9.18 -37.13 3.30
N VAL A 31 -9.11 -36.03 4.04
CA VAL A 31 -8.11 -35.87 5.09
C VAL A 31 -8.64 -36.61 6.31
N THR A 32 -7.83 -37.53 6.82
CA THR A 32 -8.12 -38.13 8.12
C THR A 32 -7.03 -37.71 9.09
N GLY A 33 -7.43 -37.32 10.30
CA GLY A 33 -6.48 -36.80 11.27
C GLY A 33 -5.51 -37.86 11.75
N LYS A 34 -4.32 -37.41 12.13
CA LYS A 34 -3.25 -38.29 12.56
C LYS A 34 -2.50 -37.65 13.72
N GLY A 35 -2.35 -38.41 14.80
CA GLY A 35 -1.67 -37.91 15.97
C GLY A 35 -2.49 -36.90 16.73
N LYS A 36 -1.79 -35.93 17.31
CA LYS A 36 -2.43 -34.89 18.10
C LYS A 36 -2.75 -33.65 17.30
N TYR A 37 -3.05 -33.80 16.02
CA TYR A 37 -3.39 -32.66 15.19
C TYR A 37 -4.84 -32.71 14.74
N ASP A 38 -5.75 -33.01 15.66
CA ASP A 38 -7.19 -33.07 15.41
C ASP A 38 -7.74 -31.70 15.01
N ASN A 39 -8.99 -31.66 14.57
CA ASN A 39 -9.68 -30.53 13.94
C ASN A 39 -8.97 -30.13 12.66
N VAL A 40 -8.98 -30.99 11.65
CA VAL A 40 -8.08 -30.97 10.49
C VAL A 40 -8.24 -29.76 9.57
N TYR A 41 -9.19 -28.87 9.88
CA TYR A 41 -9.41 -27.68 9.07
C TYR A 41 -8.17 -26.80 8.99
N LYS A 42 -7.35 -26.80 10.04
CA LYS A 42 -6.05 -26.16 9.94
C LYS A 42 -5.04 -27.03 9.21
N ILE A 43 -5.23 -28.35 9.22
CA ILE A 43 -4.25 -29.25 8.64
C ILE A 43 -4.35 -29.31 7.13
N ILE A 44 -5.53 -28.99 6.58
CA ILE A 44 -5.79 -29.09 5.15
C ILE A 44 -4.92 -28.13 4.36
N LYS A 45 -4.71 -26.93 4.91
CA LYS A 45 -3.96 -25.90 4.19
C LYS A 45 -2.51 -26.30 4.01
N SER A 46 -1.97 -27.09 4.95
CA SER A 46 -0.63 -27.63 4.76
C SER A 46 -0.65 -28.90 3.94
N ALA A 47 -1.67 -29.73 4.12
CA ALA A 47 -1.70 -31.03 3.47
C ALA A 47 -1.89 -30.90 1.97
N ARG A 48 -2.53 -29.80 1.53
CA ARG A 48 -2.62 -29.50 0.11
C ARG A 48 -1.25 -29.33 -0.51
N TYR A 49 -0.43 -28.47 0.08
CA TYR A 49 0.91 -28.25 -0.45
C TYR A 49 1.78 -29.49 -0.28
N LYS A 50 1.51 -30.29 0.75
CA LYS A 50 2.25 -31.55 0.92
C LYS A 50 1.97 -32.50 -0.22
N MET A 51 0.69 -32.72 -0.53
CA MET A 51 0.33 -33.58 -1.66
C MET A 51 0.79 -32.97 -2.97
N HIS A 52 0.74 -31.65 -3.07
CA HIS A 52 1.17 -30.94 -4.26
C HIS A 52 2.68 -31.05 -4.42
N SER A 53 3.38 -31.32 -3.33
CA SER A 53 4.82 -31.54 -3.35
C SER A 53 5.17 -32.99 -3.65
N LYS A 54 4.35 -33.95 -3.19
CA LYS A 54 4.65 -35.34 -3.52
C LYS A 54 4.39 -35.64 -4.97
N ASN A 55 3.48 -34.91 -5.60
CA ASN A 55 3.46 -34.90 -7.05
C ASN A 55 4.33 -33.76 -7.54
N ARG A 56 4.56 -33.73 -8.85
CA ARG A 56 5.28 -32.63 -9.45
C ARG A 56 4.30 -31.49 -9.76
N PHE A 57 3.81 -30.92 -8.65
CA PHE A 57 2.86 -29.80 -8.63
C PHE A 57 1.58 -30.11 -9.40
N LYS A 58 1.09 -31.33 -9.26
CA LYS A 58 -0.26 -31.61 -9.71
C LYS A 58 -1.25 -30.93 -8.78
N PRO A 59 -2.33 -30.36 -9.31
CA PRO A 59 -3.14 -29.44 -8.51
C PRO A 59 -4.01 -30.17 -7.49
N VAL A 60 -3.97 -29.67 -6.26
CA VAL A 60 -4.71 -30.25 -5.16
C VAL A 60 -5.69 -29.19 -4.67
N PHE A 61 -6.95 -29.56 -4.49
CA PHE A 61 -7.99 -28.59 -4.25
C PHE A 61 -8.56 -28.75 -2.84
N ILE A 62 -9.38 -27.79 -2.44
CA ILE A 62 -9.75 -27.62 -1.03
C ILE A 62 -11.26 -27.65 -0.90
N LYS A 63 -11.76 -28.55 -0.05
CA LYS A 63 -13.03 -28.34 0.62
C LYS A 63 -12.84 -28.54 2.12
N ASP A 64 -13.95 -28.58 2.86
CA ASP A 64 -13.86 -28.62 4.32
C ASP A 64 -13.35 -29.96 4.81
N ASP A 65 -13.53 -31.01 4.03
CA ASP A 65 -12.84 -32.26 4.29
C ASP A 65 -12.44 -32.97 3.00
N LYS A 66 -12.70 -32.37 1.85
CA LYS A 66 -12.54 -33.03 0.56
C LYS A 66 -11.41 -32.38 -0.21
N LEU A 67 -10.55 -33.21 -0.80
CA LEU A 67 -9.37 -32.76 -1.50
C LEU A 67 -9.42 -33.28 -2.92
N TYR A 68 -9.72 -32.40 -3.86
CA TYR A 68 -9.99 -32.78 -5.24
C TYR A 68 -8.73 -32.68 -6.07
N THR A 69 -8.53 -33.65 -6.96
CA THR A 69 -7.32 -33.75 -7.74
C THR A 69 -7.65 -34.27 -9.12
N LEU A 70 -7.04 -33.67 -10.15
CA LEU A 70 -7.29 -34.10 -11.52
C LEU A 70 -6.65 -35.45 -11.82
N GLU A 71 -5.46 -35.69 -11.32
CA GLU A 71 -4.71 -36.91 -11.61
C GLU A 71 -4.22 -37.49 -10.30
N LYS A 72 -4.51 -38.76 -10.07
CA LYS A 72 -4.49 -39.30 -8.72
C LYS A 72 -3.07 -39.51 -8.21
N LEU A 73 -2.87 -39.19 -6.94
CA LEU A 73 -1.70 -39.65 -6.21
C LEU A 73 -2.15 -40.92 -5.52
N PRO A 74 -1.87 -42.09 -6.07
CA PRO A 74 -2.49 -43.32 -5.56
C PRO A 74 -1.95 -43.76 -4.22
N ASP A 75 -0.86 -43.17 -3.76
CA ASP A 75 -0.30 -43.53 -2.47
C ASP A 75 -1.04 -42.82 -1.35
N ILE A 76 -1.10 -43.47 -0.20
CA ILE A 76 -1.51 -42.84 1.04
C ILE A 76 -0.32 -42.06 1.55
N GLU A 77 -0.56 -41.12 2.45
CA GLU A 77 0.52 -40.28 2.93
C GLU A 77 0.99 -40.76 4.29
N ASP A 78 2.25 -40.49 4.59
CA ASP A 78 2.93 -41.06 5.73
C ASP A 78 3.32 -40.02 6.77
N LEU A 79 3.26 -38.74 6.41
CA LEU A 79 3.62 -37.68 7.35
C LEU A 79 2.63 -37.60 8.50
N ASP A 80 3.10 -37.07 9.62
CA ASP A 80 2.40 -37.20 10.89
C ASP A 80 1.17 -36.33 11.00
N PHE A 81 1.02 -35.33 10.14
CA PHE A 81 -0.09 -34.39 10.28
C PHE A 81 -1.42 -35.06 9.98
N ALA A 82 -1.50 -35.78 8.87
CA ALA A 82 -2.76 -36.41 8.51
C ALA A 82 -2.48 -37.70 7.76
N ASN A 83 -3.48 -38.56 7.72
CA ASN A 83 -3.51 -39.67 6.77
C ASN A 83 -4.54 -39.32 5.71
N ILE A 84 -4.19 -39.51 4.46
CA ILE A 84 -5.04 -39.15 3.34
C ILE A 84 -5.29 -40.41 2.52
N ASN A 85 -6.54 -40.64 2.16
CA ASN A 85 -6.95 -41.86 1.48
C ASN A 85 -7.54 -41.54 0.11
N PHE A 86 -7.84 -42.61 -0.63
CA PHE A 86 -8.13 -42.48 -2.05
C PHE A 86 -9.57 -42.03 -2.30
N VAL A 87 -10.42 -42.14 -1.29
CA VAL A 87 -11.83 -42.52 -1.33
C VAL A 87 -12.62 -41.97 -2.52
N LYS A 88 -13.45 -42.83 -3.13
CA LYS A 88 -13.86 -42.84 -4.53
C LYS A 88 -14.13 -41.51 -5.23
N SER A 89 -13.72 -41.43 -6.48
CA SER A 89 -13.73 -40.21 -7.29
C SER A 89 -15.15 -39.87 -7.70
N GLU A 90 -15.33 -38.63 -8.13
CA GLU A 90 -16.62 -38.15 -8.61
C GLU A 90 -16.43 -36.87 -9.40
N VAL A 91 -17.07 -36.79 -10.56
CA VAL A 91 -17.17 -35.53 -11.27
C VAL A 91 -18.05 -34.56 -10.47
N LEU A 92 -17.52 -33.37 -10.24
CA LEU A 92 -18.23 -32.39 -9.43
C LEU A 92 -19.20 -31.56 -10.25
N SER A 93 -19.97 -30.76 -9.54
CA SER A 93 -20.88 -29.81 -10.14
C SER A 93 -20.13 -28.58 -10.61
N ILE A 94 -20.81 -27.75 -11.39
CA ILE A 94 -20.20 -26.51 -11.85
C ILE A 94 -20.42 -25.38 -10.85
N GLU A 95 -21.67 -25.13 -10.47
CA GLU A 95 -22.01 -23.95 -9.71
C GLU A 95 -21.58 -24.04 -8.25
N ASP A 96 -21.35 -25.24 -7.76
CA ASP A 96 -20.94 -25.45 -6.38
C ASP A 96 -19.44 -25.28 -6.22
N ASN A 97 -18.73 -25.15 -7.32
CA ASN A 97 -17.29 -25.39 -7.38
C ASN A 97 -16.64 -24.27 -8.16
N MET A 98 -16.99 -23.04 -7.80
CA MET A 98 -16.61 -21.88 -8.58
C MET A 98 -15.12 -21.62 -8.45
N SER A 99 -14.63 -21.52 -7.21
CA SER A 99 -13.20 -21.39 -6.98
C SER A 99 -12.44 -22.62 -7.43
N ILE A 100 -13.09 -23.77 -7.41
CA ILE A 100 -12.46 -25.02 -7.82
C ILE A 100 -12.16 -24.99 -9.31
N TYR A 101 -13.17 -24.66 -10.13
CA TYR A 101 -12.92 -24.56 -11.56
C TYR A 101 -12.07 -23.35 -11.91
N GLY A 102 -12.09 -22.32 -11.07
CA GLY A 102 -11.14 -21.24 -11.24
C GLY A 102 -9.70 -21.70 -11.10
N GLU A 103 -9.44 -22.54 -10.11
CA GLU A 103 -8.08 -23.07 -9.97
C GLU A 103 -7.78 -24.10 -11.04
N VAL A 104 -8.80 -24.75 -11.60
CA VAL A 104 -8.60 -25.60 -12.78
C VAL A 104 -8.08 -24.76 -13.94
N VAL A 105 -8.71 -23.61 -14.17
CA VAL A 105 -8.27 -22.71 -15.23
C VAL A 105 -6.88 -22.19 -14.95
N GLU A 106 -6.57 -21.94 -13.66
CA GLU A 106 -5.22 -21.56 -13.26
C GLU A 106 -4.20 -22.61 -13.63
N TYR A 107 -4.49 -23.87 -13.31
CA TYR A 107 -3.52 -24.94 -13.55
C TYR A 107 -3.34 -25.20 -15.03
N TYR A 108 -4.40 -25.06 -15.83
CA TYR A 108 -4.20 -25.32 -17.24
C TYR A 108 -3.60 -24.14 -17.96
N ILE A 109 -3.78 -22.92 -17.47
CA ILE A 109 -3.00 -21.81 -17.98
C ILE A 109 -1.52 -21.99 -17.65
N ASN A 110 -1.24 -22.53 -16.47
CA ASN A 110 0.14 -22.87 -16.10
C ASN A 110 0.73 -23.91 -17.03
N LEU A 111 -0.02 -24.98 -17.32
CA LEU A 111 0.48 -26.03 -18.20
C LEU A 111 0.66 -25.53 -19.62
N LYS A 112 -0.21 -24.63 -20.06
CA LYS A 112 -0.07 -24.13 -21.41
C LYS A 112 1.11 -23.18 -21.54
N LEU A 113 1.32 -22.34 -20.53
CA LEU A 113 2.41 -21.38 -20.62
C LEU A 113 3.74 -21.94 -20.16
N LYS A 114 3.76 -23.18 -19.66
CA LYS A 114 5.02 -23.80 -19.28
C LYS A 114 5.90 -24.08 -20.50
N LYS A 115 5.29 -24.28 -21.66
CA LYS A 115 6.02 -24.62 -22.86
C LYS A 115 6.19 -23.43 -23.81
N VAL A 116 6.24 -22.21 -23.29
CA VAL A 116 6.34 -21.03 -24.14
C VAL A 116 7.72 -20.42 -24.00
N LYS A 117 8.37 -20.17 -25.14
CA LYS A 117 9.71 -19.61 -25.18
C LYS A 117 9.78 -18.59 -26.31
N VAL A 118 10.89 -17.86 -26.37
CA VAL A 118 11.04 -16.83 -27.40
C VAL A 118 12.08 -17.28 -28.42
N LEU A 119 12.86 -18.27 -28.06
CA LEU A 119 14.02 -18.73 -28.81
C LEU A 119 14.48 -20.01 -28.11
N GLY A 120 15.44 -20.71 -28.68
CA GLY A 120 15.85 -21.94 -28.04
C GLY A 120 16.82 -21.63 -26.93
N LYS A 121 16.24 -21.53 -25.73
CA LYS A 121 16.92 -21.15 -24.50
C LYS A 121 15.99 -21.42 -23.33
N TYR A 122 16.32 -20.86 -22.18
CA TYR A 122 15.38 -20.77 -21.07
C TYR A 122 14.07 -20.15 -21.53
N PRO A 123 12.92 -20.64 -21.06
CA PRO A 123 11.65 -20.29 -21.69
C PRO A 123 11.18 -18.89 -21.33
N LYS A 124 10.01 -18.53 -21.86
CA LYS A 124 9.53 -17.16 -21.73
C LYS A 124 9.01 -16.89 -20.34
N TYR A 125 8.36 -17.86 -19.73
CA TYR A 125 7.71 -17.68 -18.45
C TYR A 125 8.30 -18.64 -17.44
N ARG A 126 8.32 -18.25 -16.17
CA ARG A 126 8.69 -19.16 -15.11
C ARG A 126 7.43 -19.49 -14.33
N ILE A 127 7.19 -20.78 -14.11
CA ILE A 127 5.90 -21.28 -13.65
C ILE A 127 6.08 -21.98 -12.31
N ASN A 128 5.30 -21.58 -11.32
CA ASN A 128 5.22 -22.29 -10.06
C ASN A 128 3.93 -23.08 -9.93
N TYR A 129 3.16 -23.16 -11.01
CA TYR A 129 1.84 -23.79 -11.08
C TYR A 129 0.91 -23.19 -10.03
N SER A 130 0.95 -21.88 -9.94
CA SER A 130 0.39 -21.21 -8.77
C SER A 130 -0.35 -19.96 -9.23
N LYS A 131 -0.63 -19.07 -8.29
CA LYS A 131 -1.39 -17.86 -8.59
C LYS A 131 -0.58 -16.89 -9.44
N GLU A 132 0.72 -16.79 -9.17
CA GLU A 132 1.57 -15.80 -9.80
C GLU A 132 2.33 -16.41 -10.97
N ILE A 133 2.57 -15.61 -12.00
CA ILE A 133 3.33 -16.02 -13.18
C ILE A 133 4.44 -15.01 -13.40
N LEU A 134 5.67 -15.48 -13.44
CA LEU A 134 6.81 -14.63 -13.75
C LEU A 134 7.23 -14.87 -15.19
N SER A 135 7.32 -13.79 -15.96
CA SER A 135 7.82 -13.85 -17.33
C SER A 135 9.32 -13.59 -17.30
N ASN A 136 10.09 -14.50 -17.88
CA ASN A 136 11.54 -14.36 -17.87
C ASN A 136 11.98 -13.16 -18.67
N THR A 137 11.31 -12.89 -19.79
CA THR A 137 11.56 -11.68 -20.56
C THR A 137 10.49 -10.67 -20.23
N LEU A 138 10.62 -9.49 -20.82
CA LEU A 138 9.76 -8.36 -20.51
C LEU A 138 9.48 -7.59 -21.79
N LEU A 139 8.20 -7.44 -22.12
CA LEU A 139 7.82 -6.67 -23.28
C LEU A 139 8.03 -5.18 -23.05
N THR A 140 8.57 -4.51 -24.05
CA THR A 140 8.82 -3.08 -23.98
C THR A 140 7.78 -2.32 -24.78
N ARG A 141 7.95 -0.99 -24.83
CA ARG A 141 7.05 -0.15 -25.59
C ARG A 141 7.17 -0.39 -27.08
N GLU A 142 8.30 -0.91 -27.54
CA GLU A 142 8.43 -1.36 -28.90
C GLU A 142 8.13 -2.83 -29.07
N LEU A 143 7.58 -3.47 -28.02
CA LEU A 143 7.02 -4.82 -28.07
C LEU A 143 8.07 -5.86 -28.42
N LYS A 144 9.29 -5.70 -27.92
CA LYS A 144 10.41 -6.47 -28.43
C LYS A 144 10.79 -7.63 -27.52
N ASP A 145 10.23 -7.66 -26.29
CA ASP A 145 10.40 -8.75 -25.32
C ASP A 145 11.84 -8.94 -24.90
N GLU A 146 12.61 -7.86 -24.87
CA GLU A 146 14.01 -7.97 -24.49
C GLU A 146 14.13 -8.13 -23.00
N PHE A 147 14.71 -9.24 -22.57
CA PHE A 147 14.91 -9.48 -21.15
C PHE A 147 15.97 -8.54 -20.60
N LYS A 148 15.72 -8.05 -19.39
CA LYS A 148 16.54 -7.01 -18.77
C LYS A 148 17.41 -7.62 -17.68
N LYS A 149 18.67 -7.19 -17.64
CA LYS A 149 19.67 -7.80 -16.79
C LYS A 149 20.81 -6.81 -16.59
N SER A 150 21.17 -6.60 -15.34
CA SER A 150 22.35 -5.80 -15.03
C SER A 150 23.58 -6.71 -15.04
N ASN A 151 24.74 -6.09 -15.05
CA ASN A 151 25.97 -6.86 -14.96
C ASN A 151 26.18 -7.44 -13.59
N LYS A 152 25.52 -6.91 -12.57
CA LYS A 152 25.62 -7.41 -11.21
C LYS A 152 24.43 -8.27 -10.83
N GLY A 153 23.75 -8.85 -11.82
CA GLY A 153 22.58 -9.66 -11.56
C GLY A 153 21.32 -8.84 -11.78
N PHE A 154 20.35 -8.97 -10.88
CA PHE A 154 19.18 -8.09 -10.76
C PHE A 154 18.34 -8.07 -12.04
N ASN A 155 17.75 -9.23 -12.31
CA ASN A 155 16.85 -9.35 -13.44
C ASN A 155 15.53 -8.63 -13.15
N LEU A 156 14.97 -8.03 -14.18
CA LEU A 156 13.68 -7.36 -14.10
C LEU A 156 12.66 -8.22 -14.83
N LYS A 157 11.67 -8.72 -14.11
CA LYS A 157 10.69 -9.63 -14.68
C LYS A 157 9.29 -9.13 -14.38
N ARG A 158 8.37 -9.40 -15.30
CA ARG A 158 6.97 -9.09 -15.05
C ARG A 158 6.35 -10.16 -14.16
N LYS A 159 5.70 -9.73 -13.10
CA LYS A 159 4.95 -10.63 -12.22
C LYS A 159 3.49 -10.53 -12.62
N PHE A 160 2.95 -11.64 -13.11
CA PHE A 160 1.57 -11.69 -13.53
C PHE A 160 0.73 -12.42 -12.49
N ARG A 161 -0.22 -11.71 -11.91
CA ARG A 161 -1.15 -12.29 -10.97
C ARG A 161 -2.44 -12.50 -11.75
N ILE A 162 -2.66 -13.74 -12.20
CA ILE A 162 -3.89 -14.08 -12.86
C ILE A 162 -4.97 -14.29 -11.81
N SER A 163 -6.22 -14.11 -12.21
CA SER A 163 -7.38 -14.40 -11.36
C SER A 163 -8.54 -14.77 -12.25
N PRO A 164 -8.64 -16.02 -12.67
CA PRO A 164 -9.81 -16.44 -13.42
C PRO A 164 -10.97 -16.74 -12.49
N VAL A 165 -12.16 -16.36 -12.92
CA VAL A 165 -13.38 -16.74 -12.24
C VAL A 165 -14.32 -17.35 -13.28
N VAL A 166 -14.86 -18.51 -12.95
CA VAL A 166 -15.78 -19.19 -13.84
C VAL A 166 -17.17 -18.64 -13.60
N ASN A 167 -18.10 -18.97 -14.48
CA ASN A 167 -19.50 -18.65 -14.28
C ASN A 167 -20.27 -19.95 -14.11
N LYS A 168 -21.43 -19.84 -13.48
CA LYS A 168 -22.27 -21.01 -13.24
C LYS A 168 -22.87 -21.56 -14.53
N MET A 169 -22.88 -20.77 -15.60
CA MET A 169 -23.25 -21.30 -16.89
C MET A 169 -22.06 -21.81 -17.69
N GLY A 170 -20.90 -21.96 -17.05
CA GLY A 170 -19.74 -22.50 -17.70
C GLY A 170 -18.82 -21.48 -18.31
N LYS A 171 -19.25 -20.22 -18.41
CA LYS A 171 -18.38 -19.17 -18.91
C LYS A 171 -17.29 -18.88 -17.89
N VAL A 172 -16.24 -18.20 -18.33
CA VAL A 172 -15.12 -17.87 -17.47
C VAL A 172 -14.67 -16.45 -17.75
N ILE A 173 -14.31 -15.74 -16.69
CA ILE A 173 -13.80 -14.38 -16.78
C ILE A 173 -12.40 -14.41 -16.19
N LEU A 174 -11.44 -13.89 -16.93
CA LEU A 174 -10.06 -13.85 -16.48
C LEU A 174 -9.71 -12.43 -16.08
N TYR A 175 -9.87 -12.12 -14.79
CA TYR A 175 -9.31 -10.91 -14.21
C TYR A 175 -7.79 -11.08 -14.26
N LEU A 176 -7.13 -10.15 -14.91
CA LEU A 176 -5.71 -10.26 -15.21
C LEU A 176 -4.99 -9.00 -14.75
N SER A 177 -3.86 -9.18 -14.09
CA SER A 177 -3.11 -8.06 -13.56
C SER A 177 -1.63 -8.28 -13.80
N CYS A 178 -0.93 -7.20 -14.11
CA CYS A 178 0.48 -7.25 -14.42
C CYS A 178 1.25 -6.34 -13.48
N SER A 179 2.44 -6.77 -13.09
CA SER A 179 3.25 -6.08 -12.12
C SER A 179 4.71 -6.27 -12.47
N ALA A 180 5.57 -5.54 -11.77
CA ALA A 180 7.01 -5.64 -11.98
C ALA A 180 7.64 -6.41 -10.82
N ASP A 181 8.69 -7.15 -11.11
CA ASP A 181 9.40 -7.91 -10.09
C ASP A 181 10.90 -7.78 -10.30
N PHE A 182 11.61 -7.66 -9.19
CA PHE A 182 13.06 -7.50 -9.18
C PHE A 182 13.67 -8.74 -8.54
N SER A 183 14.50 -9.44 -9.29
CA SER A 183 15.16 -10.63 -8.76
C SER A 183 16.59 -10.69 -9.23
N THR A 184 17.48 -11.01 -8.30
CA THR A 184 18.89 -11.19 -8.61
C THR A 184 19.16 -12.67 -8.87
N ASN A 185 20.33 -12.94 -9.43
CA ASN A 185 20.77 -14.32 -9.55
C ASN A 185 21.44 -14.82 -8.29
N LYS A 186 21.84 -13.92 -7.40
CA LYS A 186 22.56 -14.31 -6.20
C LYS A 186 21.59 -14.96 -5.22
N ASN A 187 22.08 -15.98 -4.52
CA ASN A 187 21.25 -16.74 -3.61
C ASN A 187 21.74 -16.58 -2.18
N ILE A 188 20.97 -17.09 -1.24
CA ILE A 188 21.30 -16.94 0.18
C ILE A 188 22.50 -17.78 0.54
N TYR A 189 22.61 -18.97 -0.05
CA TYR A 189 23.82 -19.77 0.09
C TYR A 189 25.03 -19.06 -0.48
N GLU A 190 24.84 -18.39 -1.63
CA GLU A 190 25.93 -17.69 -2.27
C GLU A 190 26.36 -16.49 -1.44
N MET A 191 25.39 -15.77 -0.89
CA MET A 191 25.71 -14.63 -0.04
C MET A 191 26.27 -15.08 1.29
N LEU A 192 25.97 -16.31 1.71
CA LEU A 192 26.58 -16.81 2.93
C LEU A 192 28.00 -17.29 2.66
N LYS A 193 28.30 -17.69 1.43
CA LYS A 193 29.69 -17.87 1.05
C LYS A 193 30.42 -16.55 0.99
N GLU A 194 29.69 -15.46 0.72
CA GLU A 194 30.25 -14.11 0.72
C GLU A 194 30.49 -13.58 2.13
N GLY A 195 30.05 -14.30 3.16
CA GLY A 195 30.25 -13.85 4.52
C GLY A 195 29.36 -12.69 4.91
N LEU A 196 28.30 -12.43 4.15
CA LEU A 196 27.39 -11.33 4.40
C LEU A 196 26.30 -11.83 5.34
N GLU A 197 26.09 -11.11 6.44
CA GLU A 197 25.04 -11.47 7.37
C GLU A 197 23.70 -11.00 6.81
N VAL A 198 22.76 -11.93 6.71
CA VAL A 198 21.54 -11.71 5.93
C VAL A 198 20.30 -11.70 6.80
N GLU A 199 20.46 -11.64 8.13
CA GLU A 199 19.31 -11.75 9.02
C GLU A 199 18.42 -10.53 8.93
N GLY A 200 17.12 -10.76 9.00
CA GLY A 200 16.14 -9.71 8.85
C GLY A 200 15.75 -9.37 7.43
N LEU A 201 16.40 -9.97 6.44
CA LEU A 201 16.05 -9.71 5.06
C LEU A 201 14.75 -10.41 4.70
N ALA A 202 13.88 -9.73 3.98
CA ALA A 202 12.67 -10.36 3.48
C ALA A 202 13.03 -11.28 2.34
N VAL A 203 12.63 -12.54 2.44
CA VAL A 203 13.09 -13.60 1.57
C VAL A 203 11.89 -14.29 0.94
N LYS A 204 11.93 -14.45 -0.37
CA LYS A 204 11.02 -15.36 -1.05
C LYS A 204 11.79 -16.63 -1.42
N SER A 205 11.07 -17.73 -1.53
CA SER A 205 11.64 -19.01 -1.92
C SER A 205 11.19 -19.35 -3.32
N GLU A 206 12.02 -20.07 -4.06
CA GLU A 206 11.65 -20.46 -5.40
C GLU A 206 11.46 -21.96 -5.56
N TRP A 207 11.88 -22.76 -4.58
CA TRP A 207 11.46 -24.16 -4.61
C TRP A 207 9.99 -24.28 -4.26
N SER A 208 9.52 -23.44 -3.37
CA SER A 208 8.14 -23.43 -2.90
C SER A 208 7.31 -22.51 -3.77
N ASN A 209 6.16 -22.13 -3.24
CA ASN A 209 5.13 -21.37 -3.94
C ASN A 209 4.64 -20.28 -3.01
N ILE A 210 3.40 -19.84 -3.22
CA ILE A 210 2.74 -18.66 -2.68
C ILE A 210 2.92 -18.44 -1.17
N SER A 211 3.28 -19.50 -0.42
CA SER A 211 3.56 -19.41 1.01
C SER A 211 4.83 -18.58 1.22
N GLY A 212 4.65 -17.26 1.13
CA GLY A 212 5.75 -16.34 1.06
C GLY A 212 5.74 -15.32 2.19
N ASN A 213 6.34 -14.16 1.88
CA ASN A 213 6.69 -13.12 2.86
C ASN A 213 7.52 -13.72 4.00
N LEU A 214 8.43 -14.61 3.64
CA LEU A 214 9.12 -15.46 4.60
C LEU A 214 10.35 -14.70 5.09
N VAL A 215 10.15 -13.93 6.16
CA VAL A 215 11.24 -13.14 6.70
C VAL A 215 12.22 -14.06 7.43
N ILE A 216 13.50 -13.89 7.13
CA ILE A 216 14.51 -14.82 7.61
C ILE A 216 14.83 -14.52 9.07
N GLU A 217 15.35 -15.51 9.79
CA GLU A 217 15.56 -15.30 11.21
C GLU A 217 17.03 -15.36 11.61
N SER A 218 17.72 -16.48 11.41
CA SER A 218 19.07 -16.62 11.93
C SER A 218 19.77 -17.81 11.31
N VAL A 219 21.00 -17.61 10.93
CA VAL A 219 21.90 -18.66 10.46
C VAL A 219 22.26 -19.53 11.66
N LEU A 220 22.27 -20.84 11.45
CA LEU A 220 22.50 -21.77 12.53
C LEU A 220 23.84 -22.45 12.36
N GLU A 221 24.24 -23.18 13.39
CA GLU A 221 25.34 -24.11 13.29
C GLU A 221 24.94 -25.37 12.52
N THR A 222 23.63 -25.58 12.36
CA THR A 222 23.08 -26.87 11.97
C THR A 222 23.47 -27.27 10.56
N LYS A 223 23.99 -28.49 10.46
CA LYS A 223 24.40 -29.12 9.21
C LYS A 223 23.15 -29.60 8.48
N ILE A 224 23.17 -29.58 7.15
CA ILE A 224 22.05 -30.16 6.40
C ILE A 224 22.03 -31.67 6.56
N SER A 225 23.20 -32.30 6.41
CA SER A 225 23.28 -33.76 6.35
C SER A 225 22.96 -34.40 7.68
N GLU A 226 23.13 -33.67 8.78
CA GLU A 226 22.83 -34.24 10.08
C GLU A 226 21.33 -34.21 10.35
N PRO A 227 20.84 -35.10 11.21
CA PRO A 227 19.40 -35.11 11.51
C PRO A 227 18.97 -33.88 12.30
N THR A 228 17.83 -33.32 11.90
CA THR A 228 17.25 -32.15 12.53
C THR A 228 15.95 -32.54 13.25
N SER A 229 15.22 -31.53 13.71
CA SER A 229 13.92 -31.71 14.33
C SER A 229 12.91 -32.42 13.43
N LEU A 230 13.02 -32.26 12.11
CA LEU A 230 12.05 -32.93 11.27
C LEU A 230 12.37 -34.41 11.01
N GLY A 231 13.20 -35.06 11.83
CA GLY A 231 13.39 -36.50 11.80
C GLY A 231 14.24 -37.02 10.67
N GLN A 232 14.98 -36.15 9.99
CA GLN A 232 15.68 -36.51 8.77
C GLN A 232 16.72 -35.44 8.48
N SER A 233 17.51 -35.66 7.43
CA SER A 233 18.31 -34.57 6.91
C SER A 233 17.42 -33.62 6.11
N LEU A 234 17.91 -32.40 5.90
CA LEU A 234 17.07 -31.44 5.22
C LEU A 234 17.03 -31.72 3.73
N ILE A 235 18.03 -32.41 3.20
CA ILE A 235 17.91 -32.96 1.86
C ILE A 235 16.97 -34.15 1.86
N ASP A 236 16.87 -34.87 2.98
CA ASP A 236 15.99 -36.04 3.02
C ASP A 236 14.54 -35.61 3.09
N TYR A 237 14.29 -34.35 3.43
CA TYR A 237 12.97 -33.77 3.28
C TYR A 237 12.51 -33.79 1.83
N TYR A 238 13.45 -33.67 0.90
CA TYR A 238 13.12 -33.62 -0.52
C TYR A 238 13.35 -34.94 -1.23
N LYS A 239 14.32 -35.72 -0.74
CA LYS A 239 14.67 -36.97 -1.41
C LYS A 239 13.65 -38.05 -1.10
N ASN A 240 13.14 -38.08 0.13
CA ASN A 240 12.08 -39.02 0.45
C ASN A 240 10.77 -38.64 -0.23
N ASN A 241 10.61 -37.35 -0.51
CA ASN A 241 9.52 -36.91 -1.36
C ASN A 241 9.97 -36.99 -2.82
N ASN A 242 9.10 -36.56 -3.72
CA ASN A 242 9.48 -36.51 -5.12
C ASN A 242 10.18 -35.23 -5.51
N GLN A 243 10.53 -34.38 -4.54
CA GLN A 243 11.27 -33.18 -4.83
C GLN A 243 12.78 -33.38 -4.74
N GLY A 244 13.25 -34.62 -4.89
CA GLY A 244 14.68 -34.89 -4.94
C GLY A 244 15.36 -34.39 -6.19
N TYR A 245 14.59 -34.01 -7.22
CA TYR A 245 15.17 -33.47 -8.44
C TYR A 245 15.85 -32.14 -8.21
N ARG A 246 15.41 -31.39 -7.20
CA ARG A 246 16.07 -30.15 -6.81
C ARG A 246 17.34 -30.38 -6.02
N VAL A 247 17.69 -31.63 -5.74
CA VAL A 247 18.91 -31.97 -5.01
C VAL A 247 19.87 -32.74 -5.93
N LYS A 248 19.88 -32.41 -7.20
CA LYS A 248 20.72 -33.11 -8.17
C LYS A 248 21.75 -32.14 -8.75
N ASP A 249 22.21 -31.20 -7.91
CA ASP A 249 23.35 -30.38 -8.28
C ASP A 249 24.26 -30.09 -7.08
N PHE A 250 24.17 -30.88 -6.03
CA PHE A 250 24.88 -30.57 -4.80
C PHE A 250 26.15 -31.41 -4.65
N THR A 251 27.11 -30.84 -3.94
CA THR A 251 28.37 -31.49 -3.64
C THR A 251 28.56 -31.55 -2.13
N ASP A 252 29.69 -32.13 -1.73
CA ASP A 252 30.05 -32.15 -0.31
C ASP A 252 30.35 -30.76 0.21
N GLU A 253 31.03 -29.95 -0.61
CA GLU A 253 31.23 -28.54 -0.26
C GLU A 253 29.93 -27.77 -0.25
N ASP A 254 28.93 -28.25 -1.01
CA ASP A 254 27.68 -27.50 -1.13
C ASP A 254 26.81 -27.70 0.09
N LEU A 255 27.20 -28.57 1.02
CA LEU A 255 26.45 -28.85 2.23
C LEU A 255 27.28 -28.71 3.51
N ASN A 256 28.18 -27.73 3.59
CA ASN A 256 28.93 -27.58 4.83
C ASN A 256 28.32 -26.49 5.71
N ALA A 257 28.29 -25.26 5.22
CA ALA A 257 27.76 -24.13 5.97
C ALA A 257 26.31 -23.96 5.57
N ASN A 258 25.41 -24.03 6.55
CA ASN A 258 24.09 -24.56 6.29
C ASN A 258 23.00 -23.89 7.12
N ILE A 259 21.93 -24.65 7.37
CA ILE A 259 20.52 -24.28 7.53
C ILE A 259 20.28 -22.98 8.28
N VAL A 260 19.49 -22.12 7.68
CA VAL A 260 19.07 -20.87 8.30
C VAL A 260 17.63 -21.01 8.78
N ASN A 261 17.25 -20.25 9.79
CA ASN A 261 15.86 -20.18 10.20
C ASN A 261 15.16 -19.00 9.52
N VAL A 262 13.85 -19.14 9.37
CA VAL A 262 13.04 -18.19 8.64
C VAL A 262 11.60 -18.31 9.13
N ARG A 263 10.98 -17.15 9.37
CA ARG A 263 9.64 -17.09 9.92
C ARG A 263 8.64 -16.97 8.78
N GLY A 264 7.50 -17.65 8.92
CA GLY A 264 6.48 -17.65 7.89
C GLY A 264 5.12 -17.26 8.41
N ASN A 265 5.10 -16.27 9.30
CA ASN A 265 3.97 -15.62 9.96
C ASN A 265 3.29 -16.51 10.98
N LYS A 266 3.65 -17.78 11.07
CA LYS A 266 3.06 -18.72 12.00
C LYS A 266 4.12 -19.47 12.79
N LYS A 267 5.23 -19.83 12.16
CA LYS A 267 6.21 -20.72 12.76
C LYS A 267 7.52 -20.53 11.99
N ILE A 268 8.63 -20.80 12.68
CA ILE A 268 9.93 -20.88 12.02
C ILE A 268 9.94 -22.02 11.03
N TYR A 269 10.67 -21.85 9.93
CA TYR A 269 10.92 -22.92 8.98
C TYR A 269 12.41 -23.22 8.94
N MET A 270 12.78 -24.30 8.27
CA MET A 270 14.18 -24.62 7.99
C MET A 270 14.32 -24.88 6.50
N TYR A 271 14.82 -23.89 5.77
CA TYR A 271 15.07 -24.05 4.34
C TYR A 271 16.52 -24.34 4.05
N ILE A 272 16.75 -24.99 2.93
CA ILE A 272 18.03 -25.01 2.24
C ILE A 272 18.28 -23.57 1.80
N PRO A 273 19.48 -23.02 1.99
CA PRO A 273 19.72 -21.64 1.54
C PRO A 273 19.72 -21.49 0.04
N HIS A 274 19.93 -22.58 -0.69
CA HIS A 274 19.85 -22.55 -2.13
C HIS A 274 18.44 -22.25 -2.61
N ALA A 275 17.44 -22.70 -1.85
CA ALA A 275 16.06 -22.45 -2.24
C ALA A 275 15.65 -21.01 -1.99
N LEU A 276 16.40 -20.32 -1.14
CA LEU A 276 16.00 -18.98 -0.72
C LEU A 276 16.71 -17.92 -1.55
N LYS A 277 15.97 -16.87 -1.88
CA LYS A 277 16.49 -15.73 -2.63
C LYS A 277 16.05 -14.46 -1.95
N PRO A 278 16.86 -13.41 -1.94
CA PRO A 278 16.43 -12.15 -1.35
C PRO A 278 15.33 -11.52 -2.17
N ILE A 279 14.43 -10.82 -1.51
CA ILE A 279 13.53 -9.94 -2.24
C ILE A 279 14.31 -8.68 -2.59
N ILE A 280 13.90 -8.00 -3.65
CA ILE A 280 14.54 -6.77 -4.05
C ILE A 280 13.43 -5.76 -4.33
N THR A 281 13.47 -4.64 -3.62
CA THR A 281 12.51 -3.58 -3.86
C THR A 281 12.95 -2.71 -5.03
N ARG A 282 12.12 -1.72 -5.35
CA ARG A 282 12.56 -0.65 -6.23
C ARG A 282 13.71 0.12 -5.59
N GLU A 283 13.62 0.35 -4.29
CA GLU A 283 14.56 1.23 -3.62
C GLU A 283 15.87 0.52 -3.33
N TYR A 284 15.82 -0.78 -3.08
CA TYR A 284 17.05 -1.55 -2.91
C TYR A 284 17.87 -1.57 -4.19
N LEU A 285 17.20 -1.75 -5.32
CA LEU A 285 17.88 -1.71 -6.60
C LEU A 285 18.37 -0.31 -6.93
N ALA A 286 17.57 0.71 -6.59
CA ALA A 286 17.99 2.09 -6.85
C ALA A 286 19.18 2.48 -5.99
N LYS A 287 19.28 1.90 -4.80
CA LYS A 287 20.46 2.09 -3.97
C LYS A 287 21.67 1.38 -4.57
N ASN A 288 21.53 0.08 -4.83
CA ASN A 288 22.70 -0.71 -5.21
C ASN A 288 23.13 -0.44 -6.65
N ASP A 289 22.18 -0.36 -7.56
CA ASP A 289 22.49 -0.18 -8.99
C ASP A 289 21.60 0.94 -9.52
N PRO A 290 22.07 2.18 -9.45
CA PRO A 290 21.20 3.31 -9.83
C PRO A 290 21.00 3.45 -11.33
N GLU A 291 22.01 3.15 -12.15
CA GLU A 291 21.86 3.37 -13.58
C GLU A 291 20.99 2.29 -14.21
N PHE A 292 20.95 1.11 -13.59
CA PHE A 292 20.04 0.08 -14.07
C PHE A 292 18.60 0.46 -13.74
N SER A 293 18.39 1.09 -12.59
CA SER A 293 17.10 1.66 -12.27
C SER A 293 16.76 2.81 -13.21
N LYS A 294 17.77 3.56 -13.64
CA LYS A 294 17.55 4.61 -14.62
C LYS A 294 17.15 4.03 -15.98
N GLU A 295 17.70 2.86 -16.31
CA GLU A 295 17.29 2.16 -17.51
C GLU A 295 15.84 1.70 -17.42
N ILE A 296 15.48 1.08 -16.30
CA ILE A 296 14.14 0.49 -16.19
C ILE A 296 13.11 1.47 -15.67
N GLU A 297 13.48 2.74 -15.48
CA GLU A 297 12.53 3.75 -14.99
C GLU A 297 11.39 3.95 -15.97
N GLN A 298 11.67 3.82 -17.27
CA GLN A 298 10.60 3.85 -18.26
C GLN A 298 9.73 2.60 -18.16
N LEU A 299 10.27 1.51 -17.62
CA LEU A 299 9.61 0.23 -17.68
C LEU A 299 8.79 -0.08 -16.43
N ILE A 300 9.14 0.51 -15.29
CA ILE A 300 8.40 0.24 -14.07
C ILE A 300 7.07 0.98 -14.08
N LYS A 301 7.10 2.27 -14.37
CA LYS A 301 5.89 3.07 -14.51
C LYS A 301 5.20 2.63 -15.78
N MET A 302 3.96 2.16 -15.66
CA MET A 302 3.23 1.60 -16.77
C MET A 302 1.90 2.32 -16.89
N ASN A 303 1.63 2.92 -18.04
CA ASN A 303 0.29 3.43 -18.25
C ASN A 303 -0.61 2.31 -18.76
N MET A 304 -1.85 2.65 -19.09
CA MET A 304 -2.81 1.63 -19.47
C MET A 304 -2.54 1.09 -20.87
N ASN A 305 -1.94 1.92 -21.73
CA ASN A 305 -1.55 1.42 -23.05
C ASN A 305 -0.48 0.36 -22.92
N TYR A 306 0.49 0.59 -22.04
CA TYR A 306 1.59 -0.35 -21.90
C TYR A 306 1.14 -1.64 -21.23
N ARG A 307 0.34 -1.52 -20.17
CA ARG A 307 -0.20 -2.70 -19.50
C ARG A 307 -1.11 -3.49 -20.45
N TYR A 308 -1.89 -2.78 -21.26
CA TYR A 308 -2.80 -3.45 -22.17
C TYR A 308 -2.07 -4.17 -23.28
N GLU A 309 -0.99 -3.57 -23.80
CA GLU A 309 -0.20 -4.27 -24.80
C GLU A 309 0.51 -5.47 -24.20
N THR A 310 0.97 -5.33 -22.96
CA THR A 310 1.57 -6.43 -22.22
C THR A 310 0.61 -7.60 -22.10
N LEU A 311 -0.63 -7.33 -21.71
CA LEU A 311 -1.54 -8.42 -21.49
C LEU A 311 -2.12 -8.93 -22.80
N LYS A 312 -2.12 -8.10 -23.86
CA LYS A 312 -2.42 -8.60 -25.20
C LYS A 312 -1.42 -9.67 -25.60
N SER A 313 -0.13 -9.36 -25.45
CA SER A 313 0.91 -10.34 -25.75
C SER A 313 0.78 -11.57 -24.86
N PHE A 314 0.35 -11.36 -23.61
CA PHE A 314 0.24 -12.47 -22.67
C PHE A 314 -0.89 -13.42 -23.06
N VAL A 315 -2.04 -12.88 -23.42
CA VAL A 315 -3.15 -13.77 -23.80
C VAL A 315 -2.92 -14.35 -25.17
N ASN A 316 -2.14 -13.67 -26.02
CA ASN A 316 -1.73 -14.30 -27.26
C ASN A 316 -0.77 -15.44 -27.01
N ASP A 317 0.03 -15.33 -25.95
CA ASP A 317 0.87 -16.44 -25.56
C ASP A 317 0.05 -17.57 -24.96
N ILE A 318 -1.09 -17.26 -24.36
CA ILE A 318 -1.94 -18.31 -23.81
C ILE A 318 -2.54 -19.16 -24.94
N GLY A 319 -3.18 -18.50 -25.90
CA GLY A 319 -3.76 -19.24 -27.01
C GLY A 319 -4.97 -20.02 -26.58
N VAL A 320 -5.15 -21.19 -27.18
CA VAL A 320 -6.28 -22.06 -26.86
C VAL A 320 -5.80 -23.11 -25.87
N ILE A 321 -6.76 -23.70 -25.17
CA ILE A 321 -6.51 -24.87 -24.32
C ILE A 321 -7.39 -25.98 -24.83
N GLU A 322 -6.79 -26.93 -25.54
CA GLU A 322 -7.54 -28.06 -26.06
C GLU A 322 -7.80 -29.10 -24.99
N GLU A 323 -7.09 -29.03 -23.87
CA GLU A 323 -7.41 -29.91 -22.75
C GLU A 323 -8.77 -29.55 -22.17
N LEU A 324 -9.00 -28.27 -21.93
CA LEU A 324 -10.32 -27.77 -21.59
C LEU A 324 -11.15 -27.71 -22.86
N ASN A 325 -12.41 -27.29 -22.77
CA ASN A 325 -13.33 -27.38 -23.89
C ASN A 325 -13.02 -26.31 -24.95
N ASN A 326 -11.84 -26.46 -25.57
CA ASN A 326 -11.29 -25.55 -26.58
C ASN A 326 -11.29 -24.11 -26.10
N LEU A 327 -10.94 -23.93 -24.83
CA LEU A 327 -11.07 -22.63 -24.19
C LEU A 327 -10.02 -21.67 -24.70
N SER A 328 -10.45 -20.51 -25.17
CA SER A 328 -9.57 -19.42 -25.52
C SER A 328 -10.13 -18.13 -24.95
N PHE A 329 -9.29 -17.12 -24.89
CA PHE A 329 -9.67 -15.81 -24.39
C PHE A 329 -9.64 -14.80 -25.52
N LYS A 330 -10.33 -13.69 -25.31
CA LYS A 330 -10.29 -12.62 -26.30
C LYS A 330 -9.00 -11.84 -26.17
N ASN A 331 -8.73 -11.01 -27.16
CA ASN A 331 -7.47 -10.27 -27.22
C ASN A 331 -7.63 -8.81 -26.86
N LYS A 332 -8.69 -8.46 -26.14
CA LYS A 332 -8.95 -7.07 -25.80
C LYS A 332 -9.81 -7.02 -24.56
N TYR A 333 -9.89 -5.82 -23.99
CA TYR A 333 -10.75 -5.64 -22.83
C TYR A 333 -12.20 -5.50 -23.24
N TYR A 334 -13.06 -5.36 -22.25
CA TYR A 334 -14.47 -5.13 -22.50
C TYR A 334 -14.71 -3.71 -22.94
N GLU A 335 -15.81 -3.52 -23.65
CA GLU A 335 -16.26 -2.17 -23.94
C GLU A 335 -17.22 -1.64 -22.90
N ASP A 336 -17.45 -2.39 -21.82
CA ASP A 336 -18.43 -2.05 -20.80
C ASP A 336 -18.18 -2.92 -19.59
N VAL A 337 -18.32 -2.32 -18.40
CA VAL A 337 -18.29 -3.11 -17.18
C VAL A 337 -19.67 -3.62 -16.80
N LYS A 338 -20.72 -3.12 -17.45
CA LYS A 338 -22.05 -3.64 -17.18
C LYS A 338 -22.20 -5.06 -17.71
N LEU A 339 -21.46 -5.37 -18.77
CA LEU A 339 -21.38 -6.75 -19.21
C LEU A 339 -20.60 -7.59 -18.22
N LEU A 340 -19.68 -6.96 -17.50
CA LEU A 340 -18.97 -7.67 -16.45
C LEU A 340 -19.79 -7.82 -15.18
N GLY A 341 -20.56 -6.81 -14.83
CA GLY A 341 -21.26 -6.80 -13.57
C GLY A 341 -20.96 -5.63 -12.68
N TYR A 342 -20.58 -4.50 -13.24
CA TYR A 342 -20.35 -3.27 -12.51
C TYR A 342 -21.17 -2.16 -13.16
N SER A 343 -21.06 -0.97 -12.61
CA SER A 343 -21.65 0.21 -13.22
C SER A 343 -20.67 1.37 -13.09
N SER A 344 -20.76 2.31 -14.02
CA SER A 344 -19.71 3.29 -14.22
C SER A 344 -20.26 4.70 -14.08
N GLY A 345 -19.36 5.67 -14.20
CA GLY A 345 -19.75 7.06 -14.24
C GLY A 345 -18.61 7.90 -13.72
N LYS A 346 -18.81 9.22 -13.77
CA LYS A 346 -17.84 10.18 -13.30
C LYS A 346 -18.55 11.18 -12.39
N ILE A 347 -18.25 11.13 -11.10
CA ILE A 347 -18.83 12.06 -10.15
C ILE A 347 -18.20 13.42 -10.34
N ASP A 348 -18.96 14.46 -10.02
CA ASP A 348 -18.41 15.80 -10.03
C ASP A 348 -17.50 16.00 -8.84
N GLU A 349 -16.64 17.00 -8.94
CA GLU A 349 -16.00 17.50 -7.74
C GLU A 349 -16.74 18.72 -7.26
N PRO A 350 -17.23 18.74 -6.02
CA PRO A 350 -17.92 19.92 -5.52
C PRO A 350 -16.97 21.09 -5.34
N VAL A 351 -17.56 22.29 -5.28
CA VAL A 351 -16.77 23.48 -5.08
C VAL A 351 -16.22 23.51 -3.66
N LEU A 352 -15.12 24.21 -3.49
CA LEU A 352 -14.51 24.33 -2.18
C LEU A 352 -14.52 25.79 -1.75
N MET A 353 -14.18 26.02 -0.48
CA MET A 353 -14.29 27.35 0.06
C MET A 353 -13.32 27.54 1.21
N GLY A 354 -12.76 28.74 1.30
CA GLY A 354 -11.92 29.12 2.39
C GLY A 354 -12.50 30.30 3.15
N ALA A 355 -11.66 31.27 3.49
CA ALA A 355 -12.10 32.40 4.29
C ALA A 355 -13.09 33.27 3.53
N LYS A 356 -12.70 33.73 2.34
CA LYS A 356 -13.49 34.72 1.64
C LYS A 356 -14.73 34.10 1.02
N GLY A 357 -14.65 32.83 0.64
CA GLY A 357 -15.81 32.16 0.08
C GLY A 357 -15.41 31.09 -0.90
N ILE A 358 -16.29 30.85 -1.86
CA ILE A 358 -16.13 29.75 -2.81
C ILE A 358 -14.97 30.04 -3.74
N ILE A 359 -14.07 29.07 -3.85
CA ILE A 359 -12.85 29.21 -4.63
C ILE A 359 -13.08 28.60 -6.00
N LYS A 360 -12.19 28.90 -6.94
CA LYS A 360 -12.27 28.28 -8.26
C LYS A 360 -11.28 27.15 -8.39
N ASN A 361 -10.15 27.24 -7.71
CA ASN A 361 -9.15 26.20 -7.71
C ASN A 361 -8.37 26.29 -6.41
N LYS A 362 -7.51 25.30 -6.16
CA LYS A 362 -6.70 25.33 -4.96
C LYS A 362 -5.58 26.34 -5.03
N MET A 363 -5.37 26.96 -6.20
CA MET A 363 -4.36 28.00 -6.31
C MET A 363 -4.73 29.24 -5.51
N GLN A 364 -5.90 29.82 -5.77
CA GLN A 364 -6.17 31.17 -5.31
C GLN A 364 -6.65 31.26 -3.86
N ILE A 365 -6.44 30.19 -3.07
CA ILE A 365 -6.76 30.22 -1.65
C ILE A 365 -5.94 31.28 -0.93
N PHE A 366 -4.74 31.57 -1.42
CA PHE A 366 -3.90 32.57 -0.81
C PHE A 366 -4.34 33.96 -1.20
N SER A 367 -5.08 34.08 -2.30
CA SER A 367 -5.77 35.34 -2.58
C SER A 367 -7.02 35.45 -1.73
N ASN A 368 -7.60 34.33 -1.34
CA ASN A 368 -8.88 34.35 -0.66
C ASN A 368 -8.80 33.91 0.79
N GLY A 369 -7.61 33.71 1.33
CA GLY A 369 -7.45 33.56 2.76
C GLY A 369 -7.79 32.18 3.29
N PHE A 370 -7.19 31.88 4.44
CA PHE A 370 -7.33 30.59 5.09
C PHE A 370 -8.61 30.53 5.89
N TYR A 371 -9.29 29.39 5.80
CA TYR A 371 -10.60 29.25 6.42
C TYR A 371 -10.50 29.22 7.94
N LYS A 372 -9.50 28.51 8.46
CA LYS A 372 -9.36 28.37 9.90
C LYS A 372 -7.96 28.78 10.30
N LEU A 373 -7.82 29.58 11.36
CA LEU A 373 -6.46 29.93 11.85
C LEU A 373 -6.38 29.58 13.33
N PRO A 374 -5.26 29.04 13.86
CA PRO A 374 -5.20 28.60 15.25
C PRO A 374 -5.37 29.78 16.23
N GLU A 375 -4.84 30.96 15.89
CA GLU A 375 -4.90 32.18 16.73
C GLU A 375 -3.72 32.18 17.70
N GLY A 376 -3.49 33.30 18.39
CA GLY A 376 -2.33 33.39 19.29
C GLY A 376 -1.08 33.97 18.64
N LYS A 377 -1.14 34.35 17.36
CA LYS A 377 0.03 35.04 16.74
C LYS A 377 1.33 34.28 17.02
N VAL A 378 1.46 33.05 16.50
CA VAL A 378 2.68 32.24 16.72
C VAL A 378 3.89 32.99 16.16
N ARG A 379 5.01 32.99 16.88
CA ARG A 379 6.26 33.67 16.41
C ARG A 379 7.30 32.59 16.15
N PHE A 380 7.62 32.34 14.88
CA PHE A 380 8.50 31.22 14.57
C PHE A 380 9.97 31.56 14.77
N GLY A 381 10.73 30.57 15.23
CA GLY A 381 12.18 30.64 15.29
C GLY A 381 12.78 29.72 14.24
N VAL A 382 14.03 29.99 13.88
CA VAL A 382 14.68 29.33 12.75
C VAL A 382 16.00 28.73 13.19
N LEU A 383 16.28 27.51 12.72
CA LEU A 383 17.50 26.80 13.05
C LEU A 383 18.15 26.30 11.76
N TYR A 384 19.33 26.83 11.45
CA TYR A 384 19.91 26.70 10.12
C TYR A 384 21.33 26.16 10.18
N PRO A 385 21.77 25.49 9.13
CA PRO A 385 23.20 25.16 9.03
C PRO A 385 24.04 26.41 8.87
N LYS A 386 25.15 26.45 9.63
CA LYS A 386 25.88 27.70 9.83
C LYS A 386 26.59 28.15 8.56
N GLU A 387 26.89 27.21 7.66
CA GLU A 387 27.56 27.60 6.42
C GLU A 387 26.59 28.15 5.39
N PHE A 388 25.29 28.21 5.68
CA PHE A 388 24.31 28.75 4.76
C PHE A 388 23.57 29.93 5.38
N ASP A 389 24.32 30.87 5.95
CA ASP A 389 23.72 31.91 6.79
C ASP A 389 22.88 32.88 5.96
N GLY A 390 23.48 33.49 4.94
CA GLY A 390 22.73 34.39 4.08
C GLY A 390 21.68 33.67 3.27
N VAL A 391 21.93 32.40 2.96
CA VAL A 391 20.95 31.55 2.28
C VAL A 391 19.70 31.40 3.14
N SER A 392 19.91 31.07 4.41
CA SER A 392 18.81 30.95 5.37
C SER A 392 18.12 32.28 5.56
N ARG A 393 18.88 33.37 5.57
CA ARG A 393 18.30 34.70 5.75
C ARG A 393 17.37 35.05 4.61
N LYS A 394 17.81 34.83 3.37
CA LYS A 394 16.96 35.08 2.21
C LYS A 394 15.74 34.16 2.20
N ALA A 395 15.94 32.91 2.61
CA ALA A 395 14.83 31.95 2.58
C ALA A 395 13.75 32.31 3.58
N ILE A 396 14.14 32.58 4.82
CA ILE A 396 13.16 32.88 5.86
C ILE A 396 12.56 34.26 5.63
N ARG A 397 13.34 35.18 5.05
CA ARG A 397 12.80 36.47 4.67
C ARG A 397 11.72 36.32 3.62
N ALA A 398 11.95 35.46 2.63
CA ALA A 398 10.94 35.17 1.63
C ALA A 398 9.72 34.51 2.24
N ILE A 399 9.94 33.59 3.18
CA ILE A 399 8.84 32.86 3.80
C ILE A 399 7.95 33.81 4.61
N TYR A 400 8.56 34.67 5.41
CA TYR A 400 7.79 35.57 6.25
C TYR A 400 7.11 36.65 5.42
N ASP A 401 7.77 37.13 4.37
CA ASP A 401 7.17 38.19 3.58
C ASP A 401 6.04 37.66 2.70
N PHE A 402 6.17 36.41 2.25
CA PHE A 402 5.03 35.78 1.57
C PHE A 402 3.94 35.46 2.57
N SER A 403 4.32 35.16 3.81
CA SER A 403 3.35 34.85 4.84
C SER A 403 2.54 36.06 5.23
N LYS A 404 3.11 37.26 5.04
CA LYS A 404 2.38 38.47 5.38
C LYS A 404 2.02 39.28 4.13
N GLU A 405 2.96 39.59 3.24
CA GLU A 405 2.64 40.47 2.12
C GLU A 405 2.86 39.85 0.74
N GLY A 406 3.98 39.20 0.46
CA GLY A 406 4.20 38.77 -0.92
C GLY A 406 5.55 38.11 -1.13
N LYS A 407 5.70 37.53 -2.33
CA LYS A 407 6.81 36.64 -2.66
C LYS A 407 8.09 37.41 -2.98
N TYR A 408 8.07 38.19 -4.05
CA TYR A 408 9.27 38.92 -4.46
C TYR A 408 9.48 40.14 -3.57
N HIS A 409 10.51 40.89 -3.94
CA HIS A 409 10.61 42.30 -3.55
C HIS A 409 9.35 43.04 -3.96
N GLY A 410 8.87 42.79 -5.18
CA GLY A 410 7.50 43.12 -5.50
C GLY A 410 6.55 42.24 -4.73
N GLU A 411 5.91 42.83 -3.74
CA GLU A 411 5.07 42.06 -2.82
C GLU A 411 3.75 41.85 -3.54
N SER A 412 3.62 40.69 -4.17
CA SER A 412 2.51 40.45 -5.08
C SER A 412 1.19 40.28 -4.35
N ASN A 413 0.18 40.97 -4.83
CA ASN A 413 -1.19 40.68 -4.44
C ASN A 413 -2.03 40.23 -5.61
N LYS A 414 -1.39 39.81 -6.70
CA LYS A 414 -2.15 39.31 -7.85
C LYS A 414 -2.77 37.96 -7.54
N TYR A 415 -2.18 37.22 -6.60
CA TYR A 415 -2.70 35.94 -6.16
C TYR A 415 -2.60 35.75 -4.66
N ILE A 416 -2.20 36.78 -3.92
CA ILE A 416 -1.87 36.65 -2.51
C ILE A 416 -2.64 37.72 -1.76
N ALA A 417 -3.20 37.36 -0.61
CA ALA A 417 -3.83 38.34 0.26
C ALA A 417 -2.89 38.66 1.42
N GLU A 418 -3.21 39.75 2.11
CA GLU A 418 -2.40 40.16 3.25
C GLU A 418 -2.74 39.33 4.48
N HIS A 419 -1.70 39.04 5.26
CA HIS A 419 -1.81 38.47 6.61
C HIS A 419 -2.49 37.11 6.60
N LEU A 420 -1.97 36.22 5.76
CA LEU A 420 -2.58 34.92 5.59
C LEU A 420 -2.40 34.06 6.84
N ILE A 421 -1.28 34.21 7.52
CA ILE A 421 -1.08 33.63 8.84
C ILE A 421 -0.59 34.75 9.74
N ASN A 422 -1.24 34.90 10.90
CA ASN A 422 -0.79 35.88 11.87
C ASN A 422 0.52 35.40 12.49
N VAL A 423 1.63 35.93 11.98
CA VAL A 423 2.94 35.69 12.56
C VAL A 423 3.66 37.02 12.66
N GLU A 424 4.66 37.06 13.53
CA GLU A 424 5.53 38.23 13.67
C GLU A 424 6.95 37.69 13.66
N PHE A 425 7.76 38.20 12.74
CA PHE A 425 9.18 37.90 12.69
C PHE A 425 9.94 39.19 12.45
N ASN A 426 10.61 39.67 13.49
CA ASN A 426 11.65 40.65 13.31
C ASN A 426 12.97 39.91 13.36
N PRO A 427 13.83 40.05 12.36
CA PRO A 427 15.18 39.48 12.47
C PRO A 427 15.97 40.08 13.60
N LYS A 428 15.69 41.33 13.97
CA LYS A 428 16.27 41.90 15.18
C LYS A 428 15.70 41.26 16.43
N GLU A 429 14.37 41.12 16.50
CA GLU A 429 13.74 40.61 17.73
C GLU A 429 13.66 39.09 17.74
N CYS A 430 12.97 38.50 16.77
CA CYS A 430 12.76 37.06 16.77
C CYS A 430 14.06 36.37 16.37
N ILE A 431 14.26 35.17 16.92
CA ILE A 431 15.59 34.57 16.97
C ILE A 431 15.75 33.59 15.81
N PHE A 432 16.95 33.53 15.27
CA PHE A 432 17.36 32.48 14.35
C PHE A 432 18.81 32.14 14.64
N GLU A 433 19.09 30.86 14.85
CA GLU A 433 20.40 30.46 15.34
C GLU A 433 20.91 29.26 14.55
N GLY A 434 22.23 29.17 14.48
CA GLY A 434 22.86 28.22 13.59
C GLY A 434 23.30 26.93 14.27
N TYR A 435 23.39 25.86 13.50
CA TYR A 435 23.99 24.63 14.00
C TYR A 435 25.04 24.15 13.01
N GLU A 436 26.10 23.57 13.54
CA GLU A 436 27.16 23.00 12.74
C GLU A 436 26.98 21.49 12.69
N LEU A 437 27.42 20.88 11.60
CA LEU A 437 27.17 19.48 11.37
C LEU A 437 28.16 18.61 12.15
N GLY A 438 27.66 17.50 12.69
CA GLY A 438 28.51 16.65 13.49
C GLY A 438 27.77 15.56 14.23
N ASP A 439 28.08 15.35 15.51
CA ASP A 439 27.42 14.29 16.26
C ASP A 439 25.98 14.67 16.56
N ILE A 440 25.16 13.64 16.81
CA ILE A 440 23.74 13.84 17.08
C ILE A 440 23.54 14.57 18.40
N THR A 441 24.50 14.44 19.31
CA THR A 441 24.51 15.19 20.56
C THR A 441 24.51 16.70 20.31
N GLU A 442 25.22 17.14 19.27
CA GLU A 442 25.23 18.56 18.93
C GLU A 442 23.85 19.02 18.44
N TYR A 443 23.17 18.21 17.64
CA TYR A 443 21.85 18.59 17.17
C TYR A 443 20.85 18.61 18.32
N LYS A 444 21.03 17.68 19.27
CA LYS A 444 20.18 17.68 20.46
C LYS A 444 20.45 18.91 21.32
N LYS A 445 21.72 19.29 21.46
CA LYS A 445 22.06 20.50 22.20
C LYS A 445 21.51 21.74 21.52
N ALA A 446 21.48 21.73 20.19
CA ALA A 446 20.93 22.87 19.45
C ALA A 446 19.43 22.97 19.62
N ALA A 447 18.72 21.84 19.54
CA ALA A 447 17.27 21.85 19.71
C ALA A 447 16.89 22.21 21.14
N LEU A 448 17.67 21.72 22.11
CA LEU A 448 17.41 22.06 23.51
C LEU A 448 17.74 23.52 23.79
N LYS A 449 18.80 24.05 23.16
CA LYS A 449 19.14 25.46 23.26
C LYS A 449 18.03 26.32 22.68
N LEU A 450 17.42 25.86 21.59
CA LEU A 450 16.23 26.50 21.06
C LEU A 450 15.07 26.43 22.06
N ASN A 451 14.95 25.32 22.76
CA ASN A 451 13.90 25.18 23.77
C ASN A 451 14.12 26.12 24.95
N ASN A 452 15.38 26.46 25.25
CA ASN A 452 15.67 27.29 26.41
C ASN A 452 15.16 28.71 26.23
N TYR A 453 15.03 29.17 25.00
CA TYR A 453 14.44 30.48 24.77
C TYR A 453 12.93 30.39 24.90
N ASN A 454 12.32 31.53 25.19
CA ASN A 454 10.87 31.67 25.15
C ASN A 454 10.45 32.19 23.78
N ASN A 455 9.13 32.15 23.55
CA ASN A 455 8.48 32.77 22.39
C ASN A 455 8.92 32.12 21.08
N VAL A 456 9.38 30.88 21.18
CA VAL A 456 9.97 30.17 20.05
C VAL A 456 9.00 29.12 19.51
N ASP A 457 7.71 29.37 19.68
CA ASP A 457 6.67 28.48 19.20
C ASP A 457 6.75 28.29 17.69
N PHE A 458 6.68 27.01 17.29
CA PHE A 458 6.74 26.54 15.91
C PHE A 458 8.05 26.94 15.22
N VAL A 459 9.10 26.20 15.59
CA VAL A 459 10.37 26.27 14.88
C VAL A 459 10.19 25.97 13.39
N ILE A 460 10.85 26.75 12.54
CA ILE A 460 11.02 26.44 11.13
C ILE A 460 12.50 26.26 10.85
N ALA A 461 12.95 25.02 10.76
CA ALA A 461 14.38 24.80 10.65
C ALA A 461 14.77 24.48 9.21
N ILE A 462 16.08 24.34 9.00
CA ILE A 462 16.63 23.97 7.70
C ILE A 462 17.53 22.76 7.89
N VAL A 463 17.29 21.72 7.10
CA VAL A 463 18.02 20.48 7.22
C VAL A 463 18.84 20.33 5.94
N PRO A 464 19.97 19.63 5.96
CA PRO A 464 20.65 19.33 4.70
C PRO A 464 19.90 18.31 3.87
N ASN A 465 20.37 18.13 2.65
CA ASN A 465 19.68 17.30 1.68
C ASN A 465 19.77 15.84 2.04
N MET A 466 18.70 15.09 1.71
CA MET A 466 18.78 13.64 1.73
C MET A 466 19.51 13.10 0.52
N SER A 467 19.82 13.96 -0.46
CA SER A 467 20.60 13.53 -1.60
C SER A 467 22.01 13.15 -1.19
N ASP A 468 22.71 14.05 -0.52
CA ASP A 468 24.03 13.75 0.01
C ASP A 468 23.88 12.83 1.21
N GLU A 469 24.28 11.57 1.04
CA GLU A 469 24.11 10.61 2.13
C GLU A 469 25.15 10.84 3.22
N GLU A 470 26.31 11.36 2.86
CA GLU A 470 27.37 11.65 3.81
C GLU A 470 27.21 13.01 4.46
N ILE A 471 26.01 13.31 4.95
CA ILE A 471 25.77 14.58 5.62
C ILE A 471 25.10 14.40 6.98
N GLU A 472 24.56 13.20 7.25
CA GLU A 472 23.76 12.82 8.43
C GLU A 472 22.82 13.95 8.91
N ASN A 473 21.96 14.35 7.98
CA ASN A 473 21.01 15.42 8.22
C ASN A 473 20.01 15.04 9.30
N SER A 474 19.74 16.00 10.18
CA SER A 474 19.15 15.74 11.49
C SER A 474 17.65 15.93 11.51
N TYR A 475 16.96 15.60 10.42
CA TYR A 475 15.50 15.68 10.37
C TYR A 475 14.86 14.87 11.49
N ASN A 476 15.28 13.61 11.61
CA ASN A 476 14.69 12.74 12.62
C ASN A 476 15.04 13.13 14.05
N PRO A 477 16.28 13.52 14.41
CA PRO A 477 16.48 14.01 15.79
C PRO A 477 15.77 15.30 16.09
N PHE A 478 15.64 16.19 15.11
CA PHE A 478 14.91 17.44 15.32
C PHE A 478 13.43 17.16 15.57
N LYS A 479 12.86 16.24 14.79
CA LYS A 479 11.49 15.83 15.01
C LYS A 479 11.31 15.16 16.36
N LYS A 480 12.29 14.35 16.79
CA LYS A 480 12.15 13.64 18.07
C LYS A 480 12.20 14.60 19.24
N ILE A 481 13.16 15.53 19.22
CA ILE A 481 13.29 16.45 20.35
C ILE A 481 12.13 17.44 20.36
N TRP A 482 11.71 17.90 19.19
CA TRP A 482 10.64 18.87 19.15
C TRP A 482 9.26 18.24 19.27
N ALA A 483 9.16 16.93 19.12
CA ALA A 483 7.93 16.23 19.43
C ALA A 483 7.88 15.76 20.87
N GLU A 484 9.05 15.64 21.51
CA GLU A 484 9.08 15.49 22.96
C GLU A 484 8.48 16.72 23.63
N LEU A 485 8.76 17.88 23.08
CA LEU A 485 8.09 19.09 23.52
C LEU A 485 6.84 19.29 22.66
N ASN A 486 6.09 20.33 22.98
CA ASN A 486 4.94 20.72 22.14
C ASN A 486 5.37 21.79 21.14
N LEU A 487 6.42 21.49 20.41
CA LEU A 487 6.95 22.43 19.43
C LEU A 487 6.74 21.86 18.04
N PRO A 488 5.78 22.36 17.30
CA PRO A 488 5.59 21.92 15.91
C PRO A 488 6.77 22.40 15.08
N SER A 489 7.06 21.67 14.01
CA SER A 489 8.27 21.89 13.25
C SER A 489 7.96 21.86 11.78
N GLN A 490 8.78 22.55 11.00
CA GLN A 490 8.73 22.47 9.55
C GLN A 490 10.14 22.66 9.01
N MET A 491 10.75 21.58 8.56
CA MET A 491 12.11 21.65 8.05
C MET A 491 12.11 21.68 6.53
N ILE A 492 13.09 22.37 5.97
CA ILE A 492 13.26 22.47 4.53
C ILE A 492 14.66 22.04 4.17
N SER A 493 14.86 21.72 2.90
CA SER A 493 16.18 21.33 2.45
C SER A 493 17.05 22.56 2.25
N VAL A 494 18.37 22.32 2.22
CA VAL A 494 19.26 23.38 1.78
C VAL A 494 19.12 23.61 0.28
N LYS A 495 18.60 22.62 -0.45
CA LYS A 495 18.36 22.78 -1.87
C LYS A 495 17.27 23.81 -2.13
N THR A 496 16.13 23.68 -1.45
CA THR A 496 15.10 24.69 -1.62
C THR A 496 15.47 25.99 -0.94
N ALA A 497 16.40 25.94 0.02
CA ALA A 497 16.96 27.16 0.56
C ALA A 497 17.76 27.91 -0.49
N GLU A 498 18.51 27.17 -1.30
CA GLU A 498 19.22 27.79 -2.42
C GLU A 498 18.24 28.26 -3.49
N ILE A 499 17.12 27.56 -3.64
CA ILE A 499 16.07 28.01 -4.54
C ILE A 499 15.55 29.36 -4.10
N PHE A 500 15.31 29.51 -2.79
CA PHE A 500 14.82 30.78 -2.26
C PHE A 500 15.87 31.85 -2.34
N ALA A 501 17.14 31.47 -2.18
CA ALA A 501 18.23 32.43 -2.33
C ALA A 501 18.40 32.80 -3.79
N ASN A 502 18.58 31.81 -4.65
CA ASN A 502 18.70 32.05 -6.08
C ASN A 502 17.33 31.92 -6.71
N SER A 503 16.54 32.98 -6.50
CA SER A 503 15.15 33.01 -6.90
C SER A 503 14.94 34.10 -7.93
N ARG A 504 14.66 33.70 -9.17
CA ARG A 504 14.27 34.65 -10.21
C ARG A 504 13.01 34.26 -10.96
N ASP A 505 12.75 32.99 -11.16
CA ASP A 505 11.54 32.56 -11.83
C ASP A 505 10.38 32.53 -10.84
N ASN A 506 9.28 31.95 -11.30
CA ASN A 506 8.11 31.85 -10.45
C ASN A 506 7.84 30.43 -9.97
N THR A 507 8.87 29.61 -9.81
CA THR A 507 8.65 28.36 -9.07
C THR A 507 8.66 28.62 -7.58
N ALA A 508 9.22 29.76 -7.17
CA ALA A 508 9.34 30.10 -5.76
C ALA A 508 7.96 30.27 -5.14
N LEU A 509 7.01 30.80 -5.90
CA LEU A 509 5.66 30.91 -5.37
C LEU A 509 5.02 29.54 -5.19
N TYR A 510 5.32 28.58 -6.07
CA TYR A 510 4.76 27.24 -5.90
C TYR A 510 5.30 26.59 -4.65
N TYR A 511 6.61 26.68 -4.45
CA TYR A 511 7.22 26.21 -3.20
C TYR A 511 6.66 26.93 -1.99
N LEU A 512 6.34 28.21 -2.15
CA LEU A 512 5.81 28.95 -1.00
C LEU A 512 4.36 28.62 -0.72
N HIS A 513 3.55 28.35 -1.75
CA HIS A 513 2.20 27.85 -1.55
C HIS A 513 2.24 26.57 -0.76
N ASN A 514 3.15 25.69 -1.19
CA ASN A 514 3.31 24.38 -0.58
C ASN A 514 3.74 24.49 0.87
N ILE A 515 4.77 25.30 1.13
CA ILE A 515 5.31 25.35 2.47
C ILE A 515 4.43 26.17 3.39
N VAL A 516 3.61 27.07 2.85
CA VAL A 516 2.71 27.82 3.71
C VAL A 516 1.52 26.97 4.10
N LEU A 517 1.05 26.12 3.18
CA LEU A 517 0.07 25.10 3.57
C LEU A 517 0.64 24.16 4.62
N GLY A 518 1.93 23.83 4.49
CA GLY A 518 2.57 23.00 5.51
C GLY A 518 2.61 23.65 6.87
N ILE A 519 3.07 24.91 6.93
CA ILE A 519 3.21 25.57 8.23
C ILE A 519 1.86 25.94 8.79
N LEU A 520 0.85 26.08 7.94
CA LEU A 520 -0.51 26.23 8.44
C LEU A 520 -0.99 24.94 9.06
N GLY A 521 -0.66 23.82 8.44
CA GLY A 521 -1.14 22.54 8.95
C GLY A 521 -0.43 22.10 10.20
N LYS A 522 0.81 22.55 10.40
CA LYS A 522 1.52 22.15 11.61
C LYS A 522 0.91 22.77 12.86
N ILE A 523 0.48 24.02 12.77
CA ILE A 523 -0.37 24.63 13.76
C ILE A 523 -1.81 24.27 13.46
N GLY A 524 -2.75 24.62 14.34
CA GLY A 524 -4.14 24.28 14.11
C GLY A 524 -4.88 25.19 13.16
N GLY A 525 -4.57 25.12 11.88
CA GLY A 525 -5.25 25.94 10.90
C GLY A 525 -5.64 25.14 9.68
N ILE A 526 -6.79 25.47 9.11
CA ILE A 526 -7.31 24.74 7.95
C ILE A 526 -7.53 25.70 6.79
N PRO A 527 -6.92 25.45 5.64
CA PRO A 527 -6.97 26.43 4.55
C PRO A 527 -8.29 26.52 3.81
N TRP A 528 -8.83 25.38 3.38
CA TRP A 528 -10.04 25.35 2.58
C TRP A 528 -10.80 24.08 2.91
N VAL A 529 -12.12 24.14 2.79
CA VAL A 529 -12.98 22.99 3.03
C VAL A 529 -14.11 22.96 2.02
N VAL A 530 -14.92 21.90 2.12
CA VAL A 530 -15.99 21.66 1.17
C VAL A 530 -17.16 22.57 1.49
N LYS A 531 -17.75 23.16 0.46
CA LYS A 531 -18.93 24.00 0.66
C LYS A 531 -20.15 23.14 0.97
N ASP A 532 -20.38 22.09 0.18
CA ASP A 532 -21.54 21.21 0.37
C ASP A 532 -21.15 19.77 0.12
N MET A 533 -21.40 18.90 1.09
CA MET A 533 -21.45 17.49 0.81
C MET A 533 -22.81 17.12 0.22
N LYS A 534 -22.95 15.86 -0.15
CA LYS A 534 -24.21 15.43 -0.74
C LYS A 534 -25.21 14.99 0.32
N GLY A 535 -24.85 14.00 1.13
CA GLY A 535 -25.76 13.41 2.08
C GLY A 535 -25.90 14.24 3.34
N ASP A 536 -26.50 13.61 4.35
CA ASP A 536 -26.81 14.28 5.61
C ASP A 536 -25.85 13.87 6.71
N VAL A 537 -24.63 13.48 6.36
CA VAL A 537 -23.65 13.15 7.36
C VAL A 537 -23.20 14.41 8.11
N ASP A 538 -22.93 14.26 9.40
CA ASP A 538 -22.51 15.36 10.24
C ASP A 538 -21.05 15.30 10.62
N CYS A 539 -20.43 14.13 10.56
CA CYS A 539 -19.10 13.97 11.11
C CYS A 539 -18.39 12.82 10.43
N PHE A 540 -17.06 12.93 10.34
CA PHE A 540 -16.23 11.93 9.67
C PHE A 540 -15.27 11.34 10.69
N VAL A 541 -15.16 10.02 10.70
CA VAL A 541 -14.30 9.31 11.66
C VAL A 541 -13.45 8.33 10.88
N GLY A 542 -12.13 8.40 11.08
CA GLY A 542 -11.21 7.57 10.33
C GLY A 542 -10.60 6.45 11.17
N LEU A 543 -10.49 5.28 10.56
CA LEU A 543 -9.99 4.09 11.25
C LEU A 543 -8.93 3.40 10.40
N ASP A 544 -7.81 3.06 11.03
CA ASP A 544 -6.65 2.42 10.39
C ASP A 544 -6.39 1.05 11.01
N VAL A 545 -5.25 0.48 10.67
CA VAL A 545 -4.83 -0.81 11.24
C VAL A 545 -3.57 -0.60 12.04
N GLY A 546 -3.37 -1.45 13.05
CA GLY A 546 -2.17 -1.38 13.85
C GLY A 546 -1.33 -2.65 13.79
N THR A 547 -2.01 -3.79 13.66
CA THR A 547 -1.46 -5.15 13.63
C THR A 547 -0.54 -5.44 14.81
N ARG A 548 -0.84 -4.88 15.99
CA ARG A 548 -0.09 -5.24 17.18
C ARG A 548 -0.38 -6.67 17.61
N GLU A 549 -1.57 -7.16 17.26
CA GLU A 549 -1.94 -8.57 17.34
C GLU A 549 -2.89 -8.79 16.17
N LYS A 550 -2.98 -10.02 15.66
CA LYS A 550 -3.69 -10.24 14.40
C LYS A 550 -5.22 -10.23 14.56
N GLY A 551 -5.74 -9.84 15.72
CA GLY A 551 -7.17 -9.74 15.94
C GLY A 551 -7.78 -8.44 15.48
N ILE A 552 -8.50 -7.78 16.39
CA ILE A 552 -9.29 -6.58 16.12
C ILE A 552 -8.46 -5.30 16.26
N HIS A 553 -7.13 -5.45 16.17
CA HIS A 553 -6.11 -4.42 16.38
C HIS A 553 -6.47 -3.04 15.86
N TYR A 554 -6.30 -2.04 16.73
CA TYR A 554 -6.64 -0.69 16.31
C TYR A 554 -5.84 0.39 17.02
N PRO A 555 -5.04 1.18 16.29
CA PRO A 555 -4.13 2.13 16.96
C PRO A 555 -4.60 3.57 17.20
N ALA A 556 -5.38 4.18 16.31
CA ALA A 556 -5.46 5.64 16.30
C ALA A 556 -6.59 6.10 15.40
N CYS A 557 -7.27 7.17 15.83
CA CYS A 557 -8.38 7.69 15.06
C CYS A 557 -8.17 9.17 14.79
N SER A 558 -8.75 9.62 13.68
CA SER A 558 -8.65 11.00 13.25
C SER A 558 -10.06 11.45 12.89
N VAL A 559 -10.76 11.97 13.87
CA VAL A 559 -12.15 12.36 13.67
C VAL A 559 -12.20 13.76 13.07
N VAL A 560 -12.43 13.82 11.76
CA VAL A 560 -12.69 15.08 11.10
C VAL A 560 -14.03 15.60 11.58
N PHE A 561 -14.04 16.84 12.07
CA PHE A 561 -15.18 17.33 12.85
C PHE A 561 -16.47 17.39 12.04
N ASP A 562 -16.55 18.26 11.06
CA ASP A 562 -17.87 18.60 10.53
C ASP A 562 -18.07 18.05 9.14
N LYS A 563 -19.32 18.19 8.70
CA LYS A 563 -19.72 17.95 7.32
C LYS A 563 -18.94 18.81 6.35
N TYR A 564 -18.51 20.00 6.78
CA TYR A 564 -17.60 20.78 5.98
C TYR A 564 -16.22 20.15 5.97
N GLY A 565 -15.89 19.41 7.02
CA GLY A 565 -14.50 19.11 7.29
C GLY A 565 -13.78 20.28 7.90
N LYS A 566 -14.53 21.25 8.45
CA LYS A 566 -14.01 22.58 8.74
C LYS A 566 -13.01 22.59 9.88
N LEU A 567 -12.95 21.51 10.65
CA LEU A 567 -11.91 21.34 11.63
C LEU A 567 -11.68 19.85 11.71
N ILE A 568 -10.55 19.47 12.29
CA ILE A 568 -10.14 18.08 12.35
C ILE A 568 -9.59 17.80 13.74
N ASN A 569 -10.10 16.76 14.39
CA ASN A 569 -9.48 16.21 15.59
C ASN A 569 -8.82 14.89 15.25
N TYR A 570 -7.76 14.56 15.97
CA TYR A 570 -7.19 13.24 15.93
C TYR A 570 -7.00 12.78 17.37
N TYR A 571 -7.29 11.51 17.63
CA TYR A 571 -7.12 10.96 18.97
C TYR A 571 -6.31 9.68 18.84
N LYS A 572 -5.16 9.66 19.50
CA LYS A 572 -4.36 8.46 19.66
C LYS A 572 -4.70 7.85 21.01
N PRO A 573 -5.42 6.75 21.05
CA PRO A 573 -5.60 6.07 22.34
C PRO A 573 -4.30 5.42 22.73
N ASN A 574 -3.63 6.03 23.71
CA ASN A 574 -2.41 5.44 24.25
C ASN A 574 -2.88 4.20 25.01
N ILE A 575 -2.62 3.05 24.38
CA ILE A 575 -3.17 1.77 24.81
C ILE A 575 -2.60 1.41 26.17
N PRO A 576 -3.40 0.94 27.11
CA PRO A 576 -2.84 0.32 28.32
C PRO A 576 -1.97 -0.86 27.95
N GLN A 577 -0.94 -1.09 28.79
CA GLN A 577 0.33 -1.73 28.44
C GLN A 577 0.17 -3.00 27.62
N ASN A 578 1.03 -3.14 26.62
CA ASN A 578 0.77 -4.03 25.49
C ASN A 578 0.78 -5.49 25.93
N GLY A 579 -0.41 -6.08 25.89
CA GLY A 579 -0.73 -7.28 26.64
C GLY A 579 -2.11 -7.09 27.22
N GLU A 580 -2.48 -5.84 27.45
CA GLU A 580 -3.86 -5.50 27.75
C GLU A 580 -4.71 -5.73 26.51
N LYS A 581 -5.97 -6.12 26.74
CA LYS A 581 -6.83 -6.58 25.66
C LYS A 581 -7.12 -5.47 24.65
N ILE A 582 -7.23 -5.87 23.39
CA ILE A 582 -7.43 -4.92 22.29
C ILE A 582 -8.94 -4.77 22.02
N ASN A 583 -9.75 -5.14 23.00
CA ASN A 583 -11.21 -5.11 23.00
C ASN A 583 -11.80 -3.77 22.58
N THR A 584 -13.05 -3.80 22.13
CA THR A 584 -13.79 -2.61 21.75
C THR A 584 -14.10 -1.64 22.88
N GLU A 585 -13.69 -1.94 24.12
CA GLU A 585 -13.68 -0.92 25.17
C GLU A 585 -12.81 0.26 24.77
N ILE A 586 -11.71 -0.03 24.08
CA ILE A 586 -10.92 0.99 23.39
C ILE A 586 -11.79 1.80 22.46
N LEU A 587 -12.62 1.14 21.65
CA LEU A 587 -13.47 1.83 20.70
C LEU A 587 -14.54 2.64 21.42
N GLN A 588 -14.96 2.16 22.60
CA GLN A 588 -15.87 2.93 23.44
C GLN A 588 -15.23 4.24 23.87
N GLU A 589 -13.97 4.18 24.32
CA GLU A 589 -13.22 5.39 24.66
C GLU A 589 -13.08 6.30 23.45
N ILE A 590 -12.86 5.70 22.28
CA ILE A 590 -12.68 6.45 21.03
C ILE A 590 -13.93 7.25 20.70
N PHE A 591 -15.07 6.59 20.62
CA PHE A 591 -16.25 7.31 20.17
C PHE A 591 -16.85 8.19 21.25
N ASP A 592 -16.58 7.90 22.53
CA ASP A 592 -16.92 8.87 23.56
C ASP A 592 -16.08 10.14 23.40
N LYS A 593 -14.80 9.98 23.06
CA LYS A 593 -13.96 11.14 22.79
C LYS A 593 -14.43 11.88 21.56
N VAL A 594 -14.93 11.13 20.57
CA VAL A 594 -15.47 11.73 19.35
C VAL A 594 -16.70 12.57 19.68
N LEU A 595 -17.60 12.02 20.50
CA LEU A 595 -18.83 12.72 20.83
C LEU A 595 -18.56 13.95 21.67
N ILE A 596 -17.65 13.85 22.64
CA ILE A 596 -17.37 15.04 23.44
C ILE A 596 -16.59 16.05 22.62
N SER A 597 -15.84 15.60 21.62
CA SER A 597 -15.12 16.52 20.75
C SER A 597 -16.09 17.31 19.88
N TYR A 598 -17.08 16.62 19.32
CA TYR A 598 -18.11 17.29 18.54
C TYR A 598 -18.98 18.16 19.43
N GLU A 599 -19.05 17.83 20.72
CA GLU A 599 -19.73 18.69 21.68
C GLU A 599 -18.94 19.96 21.96
N GLU A 600 -17.62 19.87 22.05
CA GLU A 600 -16.86 21.11 22.22
C GLU A 600 -16.89 21.95 20.95
N GLU A 601 -17.03 21.30 19.79
CA GLU A 601 -17.04 22.09 18.58
C GLU A 601 -18.42 22.62 18.23
N ASN A 602 -19.47 21.93 18.63
CA ASN A 602 -20.82 22.38 18.27
C ASN A 602 -21.79 22.47 19.44
N GLY A 603 -21.69 21.59 20.41
CA GLY A 603 -22.67 21.53 21.47
C GLY A 603 -23.87 20.67 21.17
N ALA A 604 -23.93 20.05 20.00
CA ALA A 604 -25.03 19.20 19.63
C ALA A 604 -24.49 17.85 19.18
N TYR A 605 -25.26 16.81 19.43
CA TYR A 605 -24.85 15.49 18.99
C TYR A 605 -25.01 15.34 17.48
N PRO A 606 -24.04 14.73 16.82
CA PRO A 606 -24.13 14.55 15.37
C PRO A 606 -25.11 13.45 15.02
N LYS A 607 -26.00 13.73 14.07
CA LYS A 607 -27.06 12.78 13.80
C LYS A 607 -26.57 11.64 12.91
N ASN A 608 -25.70 11.94 11.97
CA ASN A 608 -25.23 10.94 11.02
C ASN A 608 -23.74 11.05 10.84
N ILE A 609 -23.07 9.91 10.99
CA ILE A 609 -21.62 9.82 10.90
C ILE A 609 -21.27 8.68 9.96
N VAL A 610 -20.42 8.95 8.98
CA VAL A 610 -19.83 7.90 8.17
C VAL A 610 -18.45 7.61 8.77
N ILE A 611 -18.07 6.35 8.76
CA ILE A 611 -16.83 5.90 9.38
C ILE A 611 -16.03 5.15 8.33
N HIS A 612 -14.80 5.56 8.11
CA HIS A 612 -13.93 4.93 7.13
C HIS A 612 -12.94 4.03 7.85
N ARG A 613 -13.07 2.72 7.63
CA ARG A 613 -12.20 1.73 8.25
C ARG A 613 -11.20 1.22 7.22
N ASP A 614 -10.08 0.73 7.72
CA ASP A 614 -9.04 0.17 6.88
C ASP A 614 -9.28 -1.33 6.76
N GLY A 615 -8.27 -2.08 6.31
CA GLY A 615 -8.45 -3.46 5.90
C GLY A 615 -8.70 -4.46 7.02
N PHE A 616 -8.76 -4.00 8.27
CA PHE A 616 -9.18 -4.89 9.35
C PHE A 616 -10.67 -5.19 9.20
N SER A 617 -11.00 -6.46 9.32
CA SER A 617 -12.15 -7.03 8.63
C SER A 617 -13.47 -6.69 9.33
N ARG A 618 -14.55 -7.32 8.88
CA ARG A 618 -15.90 -7.01 9.32
C ARG A 618 -16.33 -7.92 10.47
N GLU A 619 -15.51 -7.92 11.53
CA GLU A 619 -15.80 -8.82 12.64
C GLU A 619 -16.71 -8.22 13.70
N ASP A 620 -16.76 -6.90 13.85
CA ASP A 620 -17.39 -6.29 15.01
C ASP A 620 -18.37 -5.19 14.61
N LEU A 621 -19.17 -5.45 13.58
CA LEU A 621 -20.20 -4.49 13.18
C LEU A 621 -21.27 -4.36 14.26
N ASP A 622 -21.57 -5.47 14.94
CA ASP A 622 -22.64 -5.51 15.93
C ASP A 622 -22.39 -4.56 17.10
N TRP A 623 -21.12 -4.33 17.43
CA TRP A 623 -20.83 -3.38 18.49
C TRP A 623 -21.20 -1.97 18.07
N TYR A 624 -20.85 -1.58 16.84
CA TYR A 624 -21.22 -0.27 16.35
C TYR A 624 -22.72 -0.13 16.27
N GLU A 625 -23.38 -1.22 15.84
CA GLU A 625 -24.85 -1.29 15.82
C GLU A 625 -25.42 -0.98 17.19
N ASN A 626 -24.99 -1.74 18.20
CA ASN A 626 -25.59 -1.65 19.52
C ASN A 626 -25.25 -0.33 20.18
N TYR A 627 -24.02 0.15 19.96
CA TYR A 627 -23.59 1.36 20.63
C TYR A 627 -24.26 2.59 20.04
N PHE A 628 -24.23 2.74 18.71
CA PHE A 628 -24.90 3.88 18.10
C PHE A 628 -26.41 3.78 18.18
N GLY A 629 -26.96 2.57 18.36
CA GLY A 629 -28.37 2.47 18.65
C GLY A 629 -28.71 2.96 20.04
N LYS A 630 -27.89 2.60 21.02
CA LYS A 630 -28.03 3.21 22.33
C LYS A 630 -27.67 4.68 22.30
N LYS A 631 -26.77 5.08 21.41
CA LYS A 631 -26.54 6.51 21.22
C LYS A 631 -27.49 7.13 20.22
N ASN A 632 -28.44 6.35 19.70
CA ASN A 632 -29.64 6.85 19.01
C ASN A 632 -29.30 7.61 17.73
N ILE A 633 -28.29 7.14 17.00
CA ILE A 633 -27.76 7.88 15.87
C ILE A 633 -27.55 6.94 14.68
N LYS A 634 -28.18 7.27 13.57
CA LYS A 634 -27.99 6.52 12.34
C LYS A 634 -26.62 6.85 11.78
N PHE A 635 -26.01 5.90 11.08
CA PHE A 635 -24.62 6.04 10.71
C PHE A 635 -24.30 5.15 9.52
N ASN A 636 -23.06 5.25 9.07
CA ASN A 636 -22.57 4.48 7.93
C ASN A 636 -21.18 3.97 8.27
N ILE A 637 -20.84 2.79 7.81
CA ILE A 637 -19.46 2.31 7.82
C ILE A 637 -19.07 1.87 6.43
N ILE A 638 -18.05 2.50 5.88
CA ILE A 638 -17.56 2.22 4.54
C ILE A 638 -16.09 1.85 4.65
N GLU A 639 -15.72 0.71 4.08
CA GLU A 639 -14.35 0.24 4.09
C GLU A 639 -13.57 0.88 2.96
N VAL A 640 -12.33 1.24 3.24
CA VAL A 640 -11.40 1.72 2.23
C VAL A 640 -10.16 0.86 2.30
N LYS A 641 -9.91 0.10 1.24
CA LYS A 641 -8.70 -0.68 1.13
C LYS A 641 -7.73 0.06 0.22
N LYS A 642 -6.56 0.38 0.76
CA LYS A 642 -5.66 1.32 0.11
C LYS A 642 -4.91 0.68 -1.05
N SER A 643 -4.71 -0.63 -1.02
CA SER A 643 -3.90 -1.31 -2.03
C SER A 643 -4.72 -2.41 -2.67
N THR A 644 -5.10 -2.20 -3.93
CA THR A 644 -5.79 -3.22 -4.67
C THR A 644 -4.98 -3.56 -5.92
N PRO A 645 -4.98 -4.81 -6.34
CA PRO A 645 -4.36 -5.13 -7.63
C PRO A 645 -5.17 -4.64 -8.81
N LEU A 646 -6.48 -4.52 -8.63
CA LEU A 646 -7.35 -4.19 -9.74
C LEU A 646 -7.20 -2.72 -10.12
N LYS A 647 -7.17 -2.46 -11.41
CA LYS A 647 -6.93 -1.13 -11.95
C LYS A 647 -7.92 -0.84 -13.05
N ILE A 648 -8.28 0.42 -13.21
CA ILE A 648 -9.32 0.81 -14.13
C ILE A 648 -8.70 1.54 -15.30
N ALA A 649 -9.16 1.25 -16.51
CA ALA A 649 -8.66 1.91 -17.71
C ALA A 649 -9.81 2.63 -18.40
N SER A 650 -9.59 3.91 -18.69
CA SER A 650 -10.51 4.62 -19.57
C SER A 650 -10.38 4.08 -20.97
N ILE A 651 -11.50 3.74 -21.58
CA ILE A 651 -11.49 3.11 -22.89
C ILE A 651 -12.18 4.05 -23.84
N ASN A 652 -11.49 4.40 -24.91
CA ASN A 652 -12.09 5.16 -25.98
C ASN A 652 -12.62 4.15 -27.00
N GLU A 653 -12.89 4.61 -28.22
CA GLU A 653 -13.25 3.78 -29.37
C GLU A 653 -12.40 2.51 -29.48
N GLY A 654 -11.09 2.66 -29.53
CA GLY A 654 -10.26 1.48 -29.44
C GLY A 654 -8.99 1.70 -28.64
N ASN A 655 -8.80 2.92 -28.16
CA ASN A 655 -7.55 3.29 -27.52
C ASN A 655 -7.70 3.17 -26.01
N ILE A 656 -6.58 2.94 -25.34
CA ILE A 656 -6.60 2.65 -23.92
C ILE A 656 -5.79 3.71 -23.19
N THR A 657 -6.47 4.64 -22.55
CA THR A 657 -5.78 5.71 -21.83
C THR A 657 -5.97 5.51 -20.34
N ASN A 658 -5.21 6.26 -19.56
CA ASN A 658 -5.44 6.31 -18.13
C ASN A 658 -6.78 7.00 -17.86
N PRO A 659 -7.46 6.64 -16.78
CA PRO A 659 -8.74 7.28 -16.47
C PRO A 659 -8.55 8.67 -15.89
N GLU A 660 -9.42 9.57 -16.32
CA GLU A 660 -9.49 10.88 -15.68
C GLU A 660 -10.00 10.71 -14.26
N LYS A 661 -9.57 11.61 -13.39
CA LYS A 661 -9.84 11.49 -11.96
C LYS A 661 -11.30 11.71 -11.67
N GLY A 662 -11.76 11.13 -10.56
CA GLY A 662 -13.13 11.31 -10.14
C GLY A 662 -14.15 10.52 -10.92
N SER A 663 -13.78 9.36 -11.44
CA SER A 663 -14.72 8.48 -12.10
C SER A 663 -14.74 7.14 -11.37
N TYR A 664 -15.89 6.47 -11.39
CA TYR A 664 -16.12 5.35 -10.50
C TYR A 664 -16.54 4.09 -11.25
N ILE A 665 -16.29 2.96 -10.61
CA ILE A 665 -16.75 1.65 -11.04
C ILE A 665 -17.51 1.02 -9.87
N LEU A 666 -18.77 0.69 -10.09
CA LEU A 666 -19.70 0.43 -8.99
C LEU A 666 -20.42 -0.89 -9.17
N ARG A 667 -20.24 -1.78 -8.20
CA ARG A 667 -21.14 -2.90 -7.94
C ARG A 667 -21.78 -2.63 -6.59
N GLY A 668 -22.94 -3.24 -6.35
CA GLY A 668 -23.68 -3.08 -5.11
C GLY A 668 -22.88 -3.37 -3.85
N ASN A 669 -22.61 -2.31 -3.09
CA ASN A 669 -21.74 -2.31 -1.92
C ASN A 669 -20.36 -2.84 -2.20
N LYS A 670 -19.82 -2.52 -3.38
CA LYS A 670 -18.40 -2.72 -3.67
C LYS A 670 -18.05 -1.80 -4.83
N ALA A 671 -17.30 -0.74 -4.54
CA ALA A 671 -17.07 0.32 -5.51
C ALA A 671 -15.59 0.55 -5.72
N TYR A 672 -15.22 0.82 -6.98
CA TYR A 672 -13.89 1.24 -7.34
C TYR A 672 -13.96 2.63 -7.95
N MET A 673 -13.02 3.49 -7.61
CA MET A 673 -12.95 4.77 -8.30
C MET A 673 -11.52 5.27 -8.31
N VAL A 674 -11.26 6.21 -9.21
CA VAL A 674 -9.93 6.79 -9.36
C VAL A 674 -9.96 8.20 -8.81
N THR A 675 -8.90 8.56 -8.10
CA THR A 675 -8.81 9.82 -7.39
C THR A 675 -7.73 10.73 -7.93
N THR A 676 -6.53 10.22 -8.13
CA THR A 676 -5.43 11.01 -8.61
C THR A 676 -5.57 11.21 -10.11
N ASP A 677 -4.89 12.21 -10.62
CA ASP A 677 -4.75 12.43 -12.06
C ASP A 677 -3.30 12.13 -12.40
N ILE A 678 -3.09 11.14 -13.25
CA ILE A 678 -1.75 10.77 -13.69
C ILE A 678 -1.72 10.73 -15.19
N LYS A 679 -0.85 11.53 -15.79
CA LYS A 679 -0.69 11.51 -17.23
C LYS A 679 0.10 10.27 -17.65
N GLU A 680 0.17 10.06 -18.96
CA GLU A 680 0.68 8.81 -19.51
C GLU A 680 2.16 8.62 -19.29
N ASN A 681 2.88 9.70 -18.97
CA ASN A 681 4.31 9.59 -18.76
C ASN A 681 4.68 9.08 -17.38
N LEU A 682 3.71 8.98 -16.48
CA LEU A 682 4.03 8.70 -15.09
C LEU A 682 3.48 7.39 -14.57
N GLY A 683 2.76 6.64 -15.39
CA GLY A 683 2.35 5.32 -14.98
C GLY A 683 0.84 5.20 -14.94
N SER A 684 0.35 4.43 -13.96
CA SER A 684 -1.06 4.17 -13.82
C SER A 684 -1.58 4.73 -12.51
N PRO A 685 -2.83 5.20 -12.48
CA PRO A 685 -3.47 5.53 -11.20
C PRO A 685 -3.87 4.26 -10.47
N LYS A 686 -3.45 4.13 -9.23
CA LYS A 686 -3.92 3.03 -8.41
C LYS A 686 -5.25 3.41 -7.77
N PRO A 687 -6.36 2.82 -8.16
CA PRO A 687 -7.67 3.26 -7.68
C PRO A 687 -7.92 2.78 -6.26
N LEU A 688 -9.11 3.08 -5.77
CA LEU A 688 -9.50 2.76 -4.41
C LEU A 688 -10.46 1.59 -4.37
N LYS A 689 -10.26 0.70 -3.40
CA LYS A 689 -11.21 -0.37 -3.12
C LYS A 689 -12.12 0.09 -1.99
N ILE A 690 -13.40 0.29 -2.31
CA ILE A 690 -14.35 0.93 -1.42
C ILE A 690 -15.61 0.08 -1.36
N GLU A 691 -16.03 -0.27 -0.14
CA GLU A 691 -17.28 -0.99 0.03
C GLU A 691 -17.92 -0.57 1.33
N LYS A 692 -19.24 -0.60 1.37
CA LYS A 692 -19.98 -0.28 2.58
C LYS A 692 -20.23 -1.56 3.36
N SER A 693 -19.70 -1.63 4.57
CA SER A 693 -20.08 -2.71 5.46
C SER A 693 -21.51 -2.54 5.94
N TYR A 694 -21.77 -1.47 6.66
CA TYR A 694 -23.11 -1.20 7.14
C TYR A 694 -23.42 0.27 6.97
N GLY A 695 -24.61 0.58 6.50
CA GLY A 695 -25.05 1.95 6.44
C GLY A 695 -26.35 2.04 5.69
N ASP A 696 -26.73 3.29 5.40
CA ASP A 696 -28.01 3.57 4.80
C ASP A 696 -27.90 4.29 3.47
N ILE A 697 -26.82 5.01 3.24
CA ILE A 697 -26.72 5.86 2.07
C ILE A 697 -26.37 5.04 0.84
N ASP A 698 -26.76 5.53 -0.32
CA ASP A 698 -26.31 4.94 -1.56
C ASP A 698 -24.81 5.20 -1.75
N MET A 699 -24.20 4.37 -2.58
CA MET A 699 -22.75 4.42 -2.72
C MET A 699 -22.30 5.64 -3.50
N LEU A 700 -23.19 6.22 -4.32
CA LEU A 700 -22.83 7.40 -5.09
C LEU A 700 -22.57 8.60 -4.18
N THR A 701 -23.42 8.76 -3.16
CA THR A 701 -23.22 9.82 -2.18
C THR A 701 -21.92 9.61 -1.41
N ALA A 702 -21.64 8.36 -1.03
CA ALA A 702 -20.42 8.05 -0.30
C ALA A 702 -19.20 8.33 -1.15
N LEU A 703 -19.26 8.01 -2.44
CA LEU A 703 -18.12 8.25 -3.31
C LEU A 703 -17.92 9.73 -3.57
N SER A 704 -19.01 10.49 -3.72
CA SER A 704 -18.90 11.93 -3.92
C SER A 704 -18.30 12.60 -2.70
N GLN A 705 -18.76 12.20 -1.51
CA GLN A 705 -18.22 12.72 -0.27
C GLN A 705 -16.76 12.35 -0.11
N ILE A 706 -16.41 11.10 -0.39
CA ILE A 706 -15.04 10.66 -0.13
C ILE A 706 -14.07 11.18 -1.18
N TYR A 707 -14.54 11.54 -2.37
CA TYR A 707 -13.68 12.12 -3.38
C TYR A 707 -13.46 13.61 -3.15
N ALA A 708 -14.51 14.33 -2.75
CA ALA A 708 -14.28 15.68 -2.23
C ALA A 708 -13.42 15.65 -0.97
N LEU A 709 -13.46 14.56 -0.23
CA LEU A 709 -12.62 14.34 0.93
C LEU A 709 -11.19 13.95 0.57
N THR A 710 -10.97 13.42 -0.62
CA THR A 710 -9.61 13.33 -1.13
C THR A 710 -9.10 14.66 -1.63
N GLN A 711 -10.01 15.55 -2.05
CA GLN A 711 -9.55 16.83 -2.57
C GLN A 711 -9.06 17.75 -1.47
N ILE A 712 -9.86 17.98 -0.43
CA ILE A 712 -9.43 18.89 0.62
C ILE A 712 -8.32 18.22 1.45
N HIS A 713 -7.34 19.00 1.83
CA HIS A 713 -6.10 18.50 2.38
C HIS A 713 -5.37 19.69 2.97
N VAL A 714 -4.64 19.44 4.06
CA VAL A 714 -4.04 20.54 4.81
C VAL A 714 -2.55 20.62 4.59
N GLY A 715 -1.94 19.57 4.03
CA GLY A 715 -0.48 19.54 3.99
C GLY A 715 0.16 19.72 2.63
N ALA A 716 -0.62 20.04 1.60
CA ALA A 716 -0.09 20.06 0.25
C ALA A 716 -1.01 20.87 -0.64
N THR A 717 -0.47 21.29 -1.78
CA THR A 717 -1.25 22.04 -2.75
C THR A 717 -2.17 21.15 -3.57
N LYS A 718 -1.68 20.05 -4.11
CA LYS A 718 -2.48 19.20 -4.97
C LYS A 718 -2.92 17.97 -4.19
N SER A 719 -3.95 17.31 -4.72
CA SER A 719 -4.73 16.37 -3.93
C SER A 719 -4.00 15.04 -3.75
N LEU A 720 -4.69 14.10 -3.14
CA LEU A 720 -4.12 12.83 -2.70
C LEU A 720 -4.88 11.66 -3.30
N ARG A 721 -4.27 10.48 -3.21
CA ARG A 721 -4.95 9.25 -3.58
C ARG A 721 -5.89 8.82 -2.46
N LEU A 722 -5.37 8.75 -1.24
CA LEU A 722 -6.16 8.32 -0.10
C LEU A 722 -7.16 9.40 0.30
N PRO A 723 -8.21 9.03 1.03
CA PRO A 723 -9.06 10.05 1.65
C PRO A 723 -8.34 10.71 2.80
N ILE A 724 -8.97 11.74 3.36
CA ILE A 724 -8.36 12.46 4.47
C ILE A 724 -8.37 11.57 5.71
N THR A 725 -9.32 10.64 5.79
CA THR A 725 -9.54 9.93 7.04
C THR A 725 -8.51 8.84 7.23
N THR A 726 -8.54 7.83 6.36
CA THR A 726 -7.59 6.72 6.52
C THR A 726 -6.18 7.16 6.16
N GLY A 727 -6.03 8.13 5.27
CA GLY A 727 -4.70 8.61 4.95
C GLY A 727 -4.05 9.36 6.08
N TYR A 728 -4.81 10.26 6.71
CA TYR A 728 -4.29 11.02 7.84
C TYR A 728 -4.09 10.10 9.04
N ALA A 729 -4.97 9.12 9.24
CA ALA A 729 -4.80 8.17 10.32
C ALA A 729 -3.60 7.29 10.09
N ASP A 730 -3.33 6.94 8.83
CA ASP A 730 -2.19 6.09 8.55
C ASP A 730 -0.89 6.86 8.67
N LYS A 731 -0.91 8.15 8.34
CA LYS A 731 0.29 8.96 8.51
C LYS A 731 0.57 9.21 9.98
N ILE A 732 -0.48 9.30 10.80
CA ILE A 732 -0.29 9.28 12.24
C ILE A 732 0.26 7.94 12.69
N CYS A 733 -0.20 6.86 12.05
CA CYS A 733 0.26 5.52 12.39
C CYS A 733 1.70 5.30 11.94
N LYS A 734 2.21 6.14 11.04
CA LYS A 734 3.63 6.08 10.70
C LYS A 734 4.47 6.72 11.78
N ALA A 735 4.08 7.91 12.22
CA ALA A 735 4.91 8.73 13.10
C ALA A 735 4.52 8.50 14.56
N ILE A 736 4.71 7.26 15.00
CA ILE A 736 4.25 6.85 16.33
C ILE A 736 5.06 7.54 17.43
N GLU A 737 6.36 7.65 17.22
CA GLU A 737 7.20 8.31 18.22
C GLU A 737 7.06 9.83 18.16
N PHE A 738 6.34 10.35 17.18
CA PHE A 738 6.25 11.79 16.97
C PHE A 738 4.96 12.40 17.50
N ILE A 739 4.09 11.63 18.14
CA ILE A 739 2.91 12.23 18.76
C ILE A 739 3.33 13.03 19.99
N PRO A 740 2.96 14.31 20.09
CA PRO A 740 3.04 15.00 21.38
C PRO A 740 2.06 14.35 22.34
N GLN A 741 2.58 13.79 23.42
CA GLN A 741 1.78 12.90 24.26
C GLN A 741 0.77 13.67 25.11
N GLY A 742 -0.32 14.11 24.49
CA GLY A 742 -1.47 14.68 25.18
C GLY A 742 -2.74 14.09 24.62
N ARG A 743 -2.57 13.24 23.60
CA ARG A 743 -3.54 12.36 22.97
C ARG A 743 -4.57 13.08 22.12
N VAL A 744 -4.63 14.41 22.20
CA VAL A 744 -5.60 15.16 21.40
C VAL A 744 -5.06 16.55 21.12
N ASP A 745 -4.95 16.88 19.84
CA ASP A 745 -4.51 18.20 19.44
C ASP A 745 -5.29 18.65 18.22
N ASN A 746 -5.45 19.95 18.09
CA ASN A 746 -5.98 20.52 16.87
C ASN A 746 -4.89 20.69 15.82
N ARG A 747 -3.64 20.57 16.22
CA ARG A 747 -2.51 20.83 15.34
C ARG A 747 -1.96 19.52 14.79
N LEU A 748 -1.45 19.55 13.57
CA LEU A 748 -1.13 18.34 12.83
C LEU A 748 0.37 18.32 12.57
N PHE A 749 1.10 17.64 13.46
CA PHE A 749 2.56 17.60 13.39
C PHE A 749 3.05 16.82 12.18
N PHE A 750 2.25 15.89 11.69
CA PHE A 750 2.75 14.81 10.85
C PHE A 750 2.83 15.17 9.38
N LEU A 751 2.88 16.43 9.02
CA LEU A 751 2.94 16.80 7.61
C LEU A 751 4.39 16.99 7.16
#